data_1JDG
# 
_entry.id   1JDG 
# 
_audit_conform.dict_name       mmcif_pdbx.dic 
_audit_conform.dict_version    5.392 
_audit_conform.dict_location   http://mmcif.pdb.org/dictionaries/ascii/mmcif_pdbx.dic 
# 
loop_
_database_2.database_id 
_database_2.database_code 
_database_2.pdbx_database_accession 
_database_2.pdbx_DOI 
PDB   1JDG         pdb_00001jdg 10.2210/pdb1jdg/pdb 
RCSB  RCSB013650   ?            ?                   
WWPDB D_1000013650 ?            ?                   
# 
loop_
_pdbx_audit_revision_history.ordinal 
_pdbx_audit_revision_history.data_content_type 
_pdbx_audit_revision_history.major_revision 
_pdbx_audit_revision_history.minor_revision 
_pdbx_audit_revision_history.revision_date 
1 'Structure model' 1 0 2001-07-04 
2 'Structure model' 1 1 2008-04-27 
3 'Structure model' 1 2 2011-07-13 
4 'Structure model' 1 3 2022-02-23 
5 'Structure model' 1 4 2024-05-22 
# 
_pdbx_audit_revision_details.ordinal             1 
_pdbx_audit_revision_details.revision_ordinal    1 
_pdbx_audit_revision_details.data_content_type   'Structure model' 
_pdbx_audit_revision_details.provider            repository 
_pdbx_audit_revision_details.type                'Initial release' 
_pdbx_audit_revision_details.description         ? 
_pdbx_audit_revision_details.details             ? 
# 
loop_
_pdbx_audit_revision_group.ordinal 
_pdbx_audit_revision_group.revision_ordinal 
_pdbx_audit_revision_group.data_content_type 
_pdbx_audit_revision_group.group 
1 2 'Structure model' 'Version format compliance' 
2 3 'Structure model' 'Version format compliance' 
3 4 'Structure model' 'Data collection'           
4 4 'Structure model' 'Database references'       
5 4 'Structure model' 'Derived calculations'      
6 5 'Structure model' 'Data collection'           
# 
loop_
_pdbx_audit_revision_category.ordinal 
_pdbx_audit_revision_category.revision_ordinal 
_pdbx_audit_revision_category.data_content_type 
_pdbx_audit_revision_category.category 
1 4 'Structure model' database_2            
2 4 'Structure model' pdbx_nmr_software     
3 4 'Structure model' pdbx_struct_assembly  
4 4 'Structure model' pdbx_struct_oper_list 
5 4 'Structure model' struct_conn           
6 4 'Structure model' struct_site           
7 5 'Structure model' chem_comp_atom        
8 5 'Structure model' chem_comp_bond        
# 
loop_
_pdbx_audit_revision_item.ordinal 
_pdbx_audit_revision_item.revision_ordinal 
_pdbx_audit_revision_item.data_content_type 
_pdbx_audit_revision_item.item 
1 4 'Structure model' '_database_2.pdbx_DOI'                
2 4 'Structure model' '_database_2.pdbx_database_accession' 
3 4 'Structure model' '_pdbx_nmr_software.name'             
4 4 'Structure model' '_struct_conn.pdbx_leaving_atom_flag' 
5 4 'Structure model' '_struct_site.pdbx_auth_asym_id'      
6 4 'Structure model' '_struct_site.pdbx_auth_comp_id'      
7 4 'Structure model' '_struct_site.pdbx_auth_seq_id'       
# 
_pdbx_database_status.status_code                     REL 
_pdbx_database_status.entry_id                        1JDG 
_pdbx_database_status.recvd_initial_deposition_date   2001-06-13 
_pdbx_database_status.deposit_site                    RCSB 
_pdbx_database_status.process_site                    RCSB 
_pdbx_database_status.status_code_mr                  REL 
_pdbx_database_status.SG_entry                        . 
_pdbx_database_status.status_code_sf                  ? 
_pdbx_database_status.pdb_format_compatible           Y 
_pdbx_database_status.status_code_cs                  ? 
_pdbx_database_status.status_code_nmr_data            ? 
_pdbx_database_status.methods_development_category    ? 
# 
loop_
_audit_author.name 
_audit_author.pdbx_ordinal 
'Pradhan, P.'  1 
'Tirumala, S.' 2 
'Liu, X.'      3 
'Sayer, J.M.'  4 
'Jerina, D.M.' 5 
'Yeh, H.J.C.'  6 
# 
_citation.id                        primary 
_citation.title                     
;Solution structure of a trans-opened (10S)-dA adduct of (+)-(7S,8R,9S,10R)-7,8-dihydroxy-9,10-epoxy-7,8,9,10-tetrahydrobenzo[a]pyrene in a fully complementary DNA duplex: evidence for a major syn conformation.
;
_citation.journal_abbrev            Biochemistry 
_citation.journal_volume            40 
_citation.page_first                5870 
_citation.page_last                 5881 
_citation.year                      2001 
_citation.journal_id_ASTM           BICHAW 
_citation.country                   US 
_citation.journal_id_ISSN           0006-2960 
_citation.journal_id_CSD            0033 
_citation.book_publisher            ? 
_citation.pdbx_database_id_PubMed   11352722 
_citation.pdbx_database_id_DOI      10.1021/bi002896q 
# 
loop_
_citation_author.citation_id 
_citation_author.name 
_citation_author.ordinal 
_citation_author.identifier_ORCID 
primary 'Pradhan, P.'  1 ? 
primary 'Tirumala, S.' 2 ? 
primary 'Liu, X.'      3 ? 
primary 'Sayer, J.M.'  4 ? 
primary 'Jerina, D.M.' 5 ? 
primary 'Yeh, H.J.'    6 ? 
# 
loop_
_entity.id 
_entity.type 
_entity.src_method 
_entity.pdbx_description 
_entity.formula_weight 
_entity.pdbx_number_of_molecules 
_entity.pdbx_ec 
_entity.pdbx_mutation 
_entity.pdbx_fragment 
_entity.details 
1 polymer     syn "5'-D(*CP*GP*GP*TP*CP*(BPA)AP*CP*GP*AP*GP*G)-3'"         3399.223 1 ? ? ? ? 
2 polymer     syn "5'-D(*CP*CP*TP*CP*GP*TP*GP*AP*CP*CP*G)-3'"              3310.161 1 ? ? ? ? 
3 non-polymer syn '7S,8R,9R-TRIHYDROXY-7,8,9,10-TETRAHYDRO BENZO[A]PYRENE' 304.339  1 ? ? ? ? 
# 
loop_
_entity_poly.entity_id 
_entity_poly.type 
_entity_poly.nstd_linkage 
_entity_poly.nstd_monomer 
_entity_poly.pdbx_seq_one_letter_code 
_entity_poly.pdbx_seq_one_letter_code_can 
_entity_poly.pdbx_strand_id 
_entity_poly.pdbx_target_identifier 
1 polydeoxyribonucleotide no no '(DC)(DG)(DG)(DT)(DC)(DA)(DC)(DG)(DA)(DG)(DG)' CGGTCACGAGG A ? 
2 polydeoxyribonucleotide no no '(DC)(DC)(DT)(DC)(DG)(DT)(DG)(DA)(DC)(DC)(DG)' CCTCGTGACCG B ? 
# 
_pdbx_entity_nonpoly.entity_id   3 
_pdbx_entity_nonpoly.name        '7S,8R,9R-TRIHYDROXY-7,8,9,10-TETRAHYDRO BENZO[A]PYRENE' 
_pdbx_entity_nonpoly.comp_id     BPA 
# 
loop_
_entity_poly_seq.entity_id 
_entity_poly_seq.num 
_entity_poly_seq.mon_id 
_entity_poly_seq.hetero 
1 1  DC n 
1 2  DG n 
1 3  DG n 
1 4  DT n 
1 5  DC n 
1 6  DA n 
1 7  DC n 
1 8  DG n 
1 9  DA n 
1 10 DG n 
1 11 DG n 
2 1  DC n 
2 2  DC n 
2 3  DT n 
2 4  DC n 
2 5  DG n 
2 6  DT n 
2 7  DG n 
2 8  DA n 
2 9  DC n 
2 10 DC n 
2 11 DG n 
# 
loop_
_chem_comp.id 
_chem_comp.type 
_chem_comp.mon_nstd_flag 
_chem_comp.name 
_chem_comp.pdbx_synonyms 
_chem_comp.formula 
_chem_comp.formula_weight 
BPA non-polymer   . '7S,8R,9R-TRIHYDROXY-7,8,9,10-TETRAHYDRO BENZO[A]PYRENE' ? 'C20 H16 O3'      304.339 
DA  'DNA linking' y "2'-DEOXYADENOSINE-5'-MONOPHOSPHATE"                     ? 'C10 H14 N5 O6 P' 331.222 
DC  'DNA linking' y "2'-DEOXYCYTIDINE-5'-MONOPHOSPHATE"                      ? 'C9 H14 N3 O7 P'  307.197 
DG  'DNA linking' y "2'-DEOXYGUANOSINE-5'-MONOPHOSPHATE"                     ? 'C10 H14 N5 O7 P' 347.221 
DT  'DNA linking' y "THYMIDINE-5'-MONOPHOSPHATE"                             ? 'C10 H15 N2 O8 P' 322.208 
# 
loop_
_pdbx_poly_seq_scheme.asym_id 
_pdbx_poly_seq_scheme.entity_id 
_pdbx_poly_seq_scheme.seq_id 
_pdbx_poly_seq_scheme.mon_id 
_pdbx_poly_seq_scheme.ndb_seq_num 
_pdbx_poly_seq_scheme.pdb_seq_num 
_pdbx_poly_seq_scheme.auth_seq_num 
_pdbx_poly_seq_scheme.pdb_mon_id 
_pdbx_poly_seq_scheme.auth_mon_id 
_pdbx_poly_seq_scheme.pdb_strand_id 
_pdbx_poly_seq_scheme.pdb_ins_code 
_pdbx_poly_seq_scheme.hetero 
A 1 1  DC 1  1  1  DC CYT A . n 
A 1 2  DG 2  2  2  DG GUA A . n 
A 1 3  DG 3  3  3  DG GUA A . n 
A 1 4  DT 4  4  4  DT THY A . n 
A 1 5  DC 5  5  5  DC CYT A . n 
A 1 6  DA 6  6  6  DA ABP A . n 
A 1 7  DC 7  7  7  DC CYT A . n 
A 1 8  DG 8  8  8  DG GUA A . n 
A 1 9  DA 9  9  9  DA ADE A . n 
A 1 10 DG 10 10 10 DG GUA A . n 
A 1 11 DG 11 11 11 DG GUA A . n 
B 2 1  DC 1  1  1  DC CYT B B n 
B 2 2  DC 2  2  2  DC CYT B B n 
B 2 3  DT 3  3  3  DT THY B B n 
B 2 4  DC 4  4  4  DC CYT B B n 
B 2 5  DG 5  5  5  DG GUA B B n 
B 2 6  DT 6  6  6  DT THY B B n 
B 2 7  DG 7  7  7  DG GUA B B n 
B 2 8  DA 8  8  8  DA ADE B B n 
B 2 9  DC 9  9  9  DC CYT B B n 
B 2 10 DC 10 10 10 DC CYT B B n 
B 2 11 DG 11 11 11 DG GUA B B n 
# 
_pdbx_nonpoly_scheme.asym_id         C 
_pdbx_nonpoly_scheme.entity_id       3 
_pdbx_nonpoly_scheme.mon_id          BPA 
_pdbx_nonpoly_scheme.ndb_seq_num     1 
_pdbx_nonpoly_scheme.pdb_seq_num     12 
_pdbx_nonpoly_scheme.auth_seq_num    6 
_pdbx_nonpoly_scheme.pdb_mon_id      BPA 
_pdbx_nonpoly_scheme.auth_mon_id     ABP 
_pdbx_nonpoly_scheme.pdb_strand_id   A 
_pdbx_nonpoly_scheme.pdb_ins_code    . 
# 
_exptl.entry_id          1JDG 
_exptl.method            'SOLUTION NMR' 
_exptl.crystals_number   ? 
# 
_struct.entry_id                  1JDG 
_struct.title                     
;Solution Structure of a Trans-Opened (10S)-dA Adduct of (+)-(7S,8R,9S,10R)-7,8-Dihydroxy-9,10-epoxy-7,8,9,10-tetrahydrobenzo[a]pyrene in a fully Complementary DNA Duplex
;
_struct.pdbx_model_details        ? 
_struct.pdbx_CASP_flag            ? 
_struct.pdbx_model_type_details   ? 
# 
_struct_keywords.entry_id        1JDG 
_struct_keywords.pdbx_keywords   DNA 
_struct_keywords.text            'syn glycosidic torsion angle, benzo[a]pyrene diol epoxide, dA adduct, DNA' 
# 
loop_
_struct_asym.id 
_struct_asym.pdbx_blank_PDB_chainid_flag 
_struct_asym.pdbx_modified 
_struct_asym.entity_id 
_struct_asym.details 
A N N 1 ? 
B N N 2 ? 
C N N 3 ? 
# 
loop_
_struct_ref.id 
_struct_ref.entity_id 
_struct_ref.db_name 
_struct_ref.db_code 
_struct_ref.pdbx_db_accession 
_struct_ref.pdbx_db_isoform 
_struct_ref.pdbx_seq_one_letter_code 
_struct_ref.pdbx_align_begin 
1 1 PDB 1JDG 1JDG ? ? ? 
2 2 PDB 1JDG 1JDG ? ? ? 
# 
loop_
_struct_ref_seq.align_id 
_struct_ref_seq.ref_id 
_struct_ref_seq.pdbx_PDB_id_code 
_struct_ref_seq.pdbx_strand_id 
_struct_ref_seq.seq_align_beg 
_struct_ref_seq.pdbx_seq_align_beg_ins_code 
_struct_ref_seq.seq_align_end 
_struct_ref_seq.pdbx_seq_align_end_ins_code 
_struct_ref_seq.pdbx_db_accession 
_struct_ref_seq.db_align_beg 
_struct_ref_seq.pdbx_db_align_beg_ins_code 
_struct_ref_seq.db_align_end 
_struct_ref_seq.pdbx_db_align_end_ins_code 
_struct_ref_seq.pdbx_auth_seq_align_beg 
_struct_ref_seq.pdbx_auth_seq_align_end 
1 1 1JDG A 1 ? 11 ? 1JDG 1 ? 11 ? 1 11 
2 2 1JDG B 1 B 11 B 1JDG 1 ? 11 ? 1 11 
# 
_pdbx_struct_assembly.id                   1 
_pdbx_struct_assembly.details              author_defined_assembly 
_pdbx_struct_assembly.method_details       ? 
_pdbx_struct_assembly.oligomeric_details   dimeric 
_pdbx_struct_assembly.oligomeric_count     2 
# 
_pdbx_struct_assembly_gen.assembly_id       1 
_pdbx_struct_assembly_gen.oper_expression   1 
_pdbx_struct_assembly_gen.asym_id_list      A,B,C 
# 
_pdbx_struct_oper_list.id                   1 
_pdbx_struct_oper_list.type                 'identity operation' 
_pdbx_struct_oper_list.name                 1_555 
_pdbx_struct_oper_list.symmetry_operation   x,y,z 
_pdbx_struct_oper_list.matrix[1][1]         1.0000000000 
_pdbx_struct_oper_list.matrix[1][2]         0.0000000000 
_pdbx_struct_oper_list.matrix[1][3]         0.0000000000 
_pdbx_struct_oper_list.vector[1]            0.0000000000 
_pdbx_struct_oper_list.matrix[2][1]         0.0000000000 
_pdbx_struct_oper_list.matrix[2][2]         1.0000000000 
_pdbx_struct_oper_list.matrix[2][3]         0.0000000000 
_pdbx_struct_oper_list.vector[2]            0.0000000000 
_pdbx_struct_oper_list.matrix[3][1]         0.0000000000 
_pdbx_struct_oper_list.matrix[3][2]         0.0000000000 
_pdbx_struct_oper_list.matrix[3][3]         1.0000000000 
_pdbx_struct_oper_list.vector[3]            0.0000000000 
# 
_struct_biol.id        1 
_struct_biol.details   ? 
# 
loop_
_struct_conn.id 
_struct_conn.conn_type_id 
_struct_conn.pdbx_leaving_atom_flag 
_struct_conn.pdbx_PDB_id 
_struct_conn.ptnr1_label_asym_id 
_struct_conn.ptnr1_label_comp_id 
_struct_conn.ptnr1_label_seq_id 
_struct_conn.ptnr1_label_atom_id 
_struct_conn.pdbx_ptnr1_label_alt_id 
_struct_conn.pdbx_ptnr1_PDB_ins_code 
_struct_conn.pdbx_ptnr1_standard_comp_id 
_struct_conn.ptnr1_symmetry 
_struct_conn.ptnr2_label_asym_id 
_struct_conn.ptnr2_label_comp_id 
_struct_conn.ptnr2_label_seq_id 
_struct_conn.ptnr2_label_atom_id 
_struct_conn.pdbx_ptnr2_label_alt_id 
_struct_conn.pdbx_ptnr2_PDB_ins_code 
_struct_conn.ptnr1_auth_asym_id 
_struct_conn.ptnr1_auth_comp_id 
_struct_conn.ptnr1_auth_seq_id 
_struct_conn.ptnr2_auth_asym_id 
_struct_conn.ptnr2_auth_comp_id 
_struct_conn.ptnr2_auth_seq_id 
_struct_conn.ptnr2_symmetry 
_struct_conn.pdbx_ptnr3_label_atom_id 
_struct_conn.pdbx_ptnr3_label_seq_id 
_struct_conn.pdbx_ptnr3_label_comp_id 
_struct_conn.pdbx_ptnr3_label_asym_id 
_struct_conn.pdbx_ptnr3_label_alt_id 
_struct_conn.pdbx_ptnr3_PDB_ins_code 
_struct_conn.details 
_struct_conn.pdbx_dist_value 
_struct_conn.pdbx_value_order 
_struct_conn.pdbx_role 
covale1  covale none ? A DA 6  N6 ? ? ? 1_555 C BPA .  C10 ? ? A DA 6  A BPA 12 1_555 ? ? ? ? ? ? ?            1.479 ? ? 
hydrog1  hydrog ?    ? A DC 1  N3 ? ? ? 1_555 B DG  11 N1  ? B A DC 1  B DG  11 1_555 ? ? ? ? ? ? WATSON-CRICK ?     ? ? 
hydrog2  hydrog ?    ? A DC 1  N4 ? ? ? 1_555 B DG  11 O6  ? B A DC 1  B DG  11 1_555 ? ? ? ? ? ? WATSON-CRICK ?     ? ? 
hydrog3  hydrog ?    ? A DC 1  O2 ? ? ? 1_555 B DG  11 N2  ? B A DC 1  B DG  11 1_555 ? ? ? ? ? ? WATSON-CRICK ?     ? ? 
hydrog4  hydrog ?    ? A DG 2  N1 ? ? ? 1_555 B DC  10 N3  ? B A DG 2  B DC  10 1_555 ? ? ? ? ? ? WATSON-CRICK ?     ? ? 
hydrog5  hydrog ?    ? A DG 2  N2 ? ? ? 1_555 B DC  10 O2  ? B A DG 2  B DC  10 1_555 ? ? ? ? ? ? WATSON-CRICK ?     ? ? 
hydrog6  hydrog ?    ? A DG 2  O6 ? ? ? 1_555 B DC  10 N4  ? B A DG 2  B DC  10 1_555 ? ? ? ? ? ? WATSON-CRICK ?     ? ? 
hydrog7  hydrog ?    ? A DG 3  N1 ? ? ? 1_555 B DC  9  N3  ? B A DG 3  B DC  9  1_555 ? ? ? ? ? ? WATSON-CRICK ?     ? ? 
hydrog8  hydrog ?    ? A DG 3  N2 ? ? ? 1_555 B DC  9  O2  ? B A DG 3  B DC  9  1_555 ? ? ? ? ? ? WATSON-CRICK ?     ? ? 
hydrog9  hydrog ?    ? A DG 3  O6 ? ? ? 1_555 B DC  9  N4  ? B A DG 3  B DC  9  1_555 ? ? ? ? ? ? WATSON-CRICK ?     ? ? 
hydrog10 hydrog ?    ? A DT 4  N3 ? ? ? 1_555 B DA  8  N1  ? B A DT 4  B DA  8  1_555 ? ? ? ? ? ? WATSON-CRICK ?     ? ? 
hydrog11 hydrog ?    ? A DT 4  O4 ? ? ? 1_555 B DA  8  N6  ? B A DT 4  B DA  8  1_555 ? ? ? ? ? ? WATSON-CRICK ?     ? ? 
hydrog12 hydrog ?    ? A DC 5  N3 ? ? ? 1_555 B DG  7  N1  ? B A DC 5  B DG  7  1_555 ? ? ? ? ? ? WATSON-CRICK ?     ? ? 
hydrog13 hydrog ?    ? A DC 5  N4 ? ? ? 1_555 B DG  7  O6  ? B A DC 5  B DG  7  1_555 ? ? ? ? ? ? WATSON-CRICK ?     ? ? 
hydrog14 hydrog ?    ? A DC 5  O2 ? ? ? 1_555 B DG  7  N2  ? B A DC 5  B DG  7  1_555 ? ? ? ? ? ? WATSON-CRICK ?     ? ? 
hydrog15 hydrog ?    ? A DA 6  N6 ? ? ? 1_555 B DT  6  O4  ? B A DA 6  B DT  6  1_555 ? ? ? ? ? ? 'DA-DT PAIR' ?     ? ? 
hydrog16 hydrog ?    ? A DC 7  N3 ? ? ? 1_555 B DG  5  N1  ? B A DC 7  B DG  5  1_555 ? ? ? ? ? ? WATSON-CRICK ?     ? ? 
hydrog17 hydrog ?    ? A DC 7  N4 ? ? ? 1_555 B DG  5  O6  ? B A DC 7  B DG  5  1_555 ? ? ? ? ? ? WATSON-CRICK ?     ? ? 
hydrog18 hydrog ?    ? A DC 7  O2 ? ? ? 1_555 B DG  5  N2  ? B A DC 7  B DG  5  1_555 ? ? ? ? ? ? WATSON-CRICK ?     ? ? 
hydrog19 hydrog ?    ? A DG 8  N1 ? ? ? 1_555 B DC  4  N3  ? B A DG 8  B DC  4  1_555 ? ? ? ? ? ? WATSON-CRICK ?     ? ? 
hydrog20 hydrog ?    ? A DG 8  N2 ? ? ? 1_555 B DC  4  O2  ? B A DG 8  B DC  4  1_555 ? ? ? ? ? ? WATSON-CRICK ?     ? ? 
hydrog21 hydrog ?    ? A DG 8  O6 ? ? ? 1_555 B DC  4  N4  ? B A DG 8  B DC  4  1_555 ? ? ? ? ? ? WATSON-CRICK ?     ? ? 
hydrog22 hydrog ?    ? A DA 9  N1 ? ? ? 1_555 B DT  3  N3  ? B A DA 9  B DT  3  1_555 ? ? ? ? ? ? WATSON-CRICK ?     ? ? 
hydrog23 hydrog ?    ? A DA 9  N6 ? ? ? 1_555 B DT  3  O4  ? B A DA 9  B DT  3  1_555 ? ? ? ? ? ? WATSON-CRICK ?     ? ? 
hydrog24 hydrog ?    ? A DG 10 N1 ? ? ? 1_555 B DC  2  N3  ? B A DG 10 B DC  2  1_555 ? ? ? ? ? ? WATSON-CRICK ?     ? ? 
hydrog25 hydrog ?    ? A DG 10 N2 ? ? ? 1_555 B DC  2  O2  ? B A DG 10 B DC  2  1_555 ? ? ? ? ? ? WATSON-CRICK ?     ? ? 
hydrog26 hydrog ?    ? A DG 10 O6 ? ? ? 1_555 B DC  2  N4  ? B A DG 10 B DC  2  1_555 ? ? ? ? ? ? WATSON-CRICK ?     ? ? 
hydrog27 hydrog ?    ? A DG 11 N1 ? ? ? 1_555 B DC  1  N3  ? B A DG 11 B DC  1  1_555 ? ? ? ? ? ? WATSON-CRICK ?     ? ? 
hydrog28 hydrog ?    ? A DG 11 N2 ? ? ? 1_555 B DC  1  O2  ? B A DG 11 B DC  1  1_555 ? ? ? ? ? ? WATSON-CRICK ?     ? ? 
hydrog29 hydrog ?    ? A DG 11 O6 ? ? ? 1_555 B DC  1  N4  ? B A DG 11 B DC  1  1_555 ? ? ? ? ? ? WATSON-CRICK ?     ? ? 
# 
loop_
_struct_conn_type.id 
_struct_conn_type.criteria 
_struct_conn_type.reference 
covale ? ? 
hydrog ? ? 
# 
_struct_site.id                   AC1 
_struct_site.pdbx_evidence_code   Software 
_struct_site.pdbx_auth_asym_id    A 
_struct_site.pdbx_auth_comp_id    BPA 
_struct_site.pdbx_auth_seq_id     12 
_struct_site.pdbx_auth_ins_code   ? 
_struct_site.pdbx_num_residues    4 
_struct_site.details              'BINDING SITE FOR RESIDUE BPA A 12' 
# 
loop_
_struct_site_gen.id 
_struct_site_gen.site_id 
_struct_site_gen.pdbx_num_res 
_struct_site_gen.label_comp_id 
_struct_site_gen.label_asym_id 
_struct_site_gen.label_seq_id 
_struct_site_gen.pdbx_auth_ins_code 
_struct_site_gen.auth_comp_id 
_struct_site_gen.auth_asym_id 
_struct_site_gen.auth_seq_id 
_struct_site_gen.label_atom_id 
_struct_site_gen.label_alt_id 
_struct_site_gen.symmetry 
_struct_site_gen.details 
1 AC1 4 DA A 6 ? DA A 6 . ? 1_555 ? 
2 AC1 4 DC A 7 ? DC A 7 . ? 1_555 ? 
3 AC1 4 DG B 5 B DG B 5 . ? 1_555 ? 
4 AC1 4 DT B 6 B DT B 6 . ? 1_555 ? 
# 
loop_
_pdbx_validate_rmsd_angle.id 
_pdbx_validate_rmsd_angle.PDB_model_num 
_pdbx_validate_rmsd_angle.auth_atom_id_1 
_pdbx_validate_rmsd_angle.auth_asym_id_1 
_pdbx_validate_rmsd_angle.auth_comp_id_1 
_pdbx_validate_rmsd_angle.auth_seq_id_1 
_pdbx_validate_rmsd_angle.PDB_ins_code_1 
_pdbx_validate_rmsd_angle.label_alt_id_1 
_pdbx_validate_rmsd_angle.auth_atom_id_2 
_pdbx_validate_rmsd_angle.auth_asym_id_2 
_pdbx_validate_rmsd_angle.auth_comp_id_2 
_pdbx_validate_rmsd_angle.auth_seq_id_2 
_pdbx_validate_rmsd_angle.PDB_ins_code_2 
_pdbx_validate_rmsd_angle.label_alt_id_2 
_pdbx_validate_rmsd_angle.auth_atom_id_3 
_pdbx_validate_rmsd_angle.auth_asym_id_3 
_pdbx_validate_rmsd_angle.auth_comp_id_3 
_pdbx_validate_rmsd_angle.auth_seq_id_3 
_pdbx_validate_rmsd_angle.PDB_ins_code_3 
_pdbx_validate_rmsd_angle.label_alt_id_3 
_pdbx_validate_rmsd_angle.angle_value 
_pdbx_validate_rmsd_angle.angle_target_value 
_pdbx_validate_rmsd_angle.angle_deviation 
_pdbx_validate_rmsd_angle.angle_standard_deviation 
_pdbx_validate_rmsd_angle.linker_flag 
1  1 "O4'" A DC 1  ? ? "C1'" A DC 1  ? ? N1 A DC 1  ? ? 111.27 108.30 2.97 0.30 N 
2  1 "O4'" A DG 2  ? ? "C1'" A DG 2  ? ? N9 A DG 2  ? ? 111.37 108.30 3.07 0.30 N 
3  1 "O4'" A DG 3  ? ? "C1'" A DG 3  ? ? N9 A DG 3  ? ? 110.32 108.30 2.02 0.30 N 
4  1 "O4'" A DC 5  ? ? "C1'" A DC 5  ? ? N1 A DC 5  ? ? 111.36 108.30 3.06 0.30 N 
5  1 "O4'" A DA 6  ? ? "C1'" A DA 6  ? ? N9 A DA 6  ? ? 110.74 108.30 2.44 0.30 N 
6  1 "O4'" A DC 7  ? ? "C1'" A DC 7  ? ? N1 A DC 7  ? ? 114.25 108.30 5.95 0.30 N 
7  1 "O4'" A DG 8  ? ? "C1'" A DG 8  ? ? N9 A DG 8  ? ? 111.83 108.30 3.53 0.30 N 
8  1 "O4'" A DA 9  ? ? "C1'" A DA 9  ? ? N9 A DA 9  ? ? 111.58 108.30 3.28 0.30 N 
9  1 "O4'" A DG 10 ? ? "C1'" A DG 10 ? ? N9 A DG 10 ? ? 111.66 108.30 3.36 0.30 N 
10 1 "O4'" A DG 11 ? ? "C1'" A DG 11 ? ? N9 A DG 11 ? ? 111.42 108.30 3.12 0.30 N 
11 1 "O4'" B DC 1  B ? "C1'" B DC 1  B ? N1 B DC 1  B ? 111.24 108.30 2.94 0.30 N 
12 1 "O4'" B DC 2  B ? "C1'" B DC 2  B ? N1 B DC 2  B ? 111.73 108.30 3.43 0.30 N 
13 1 "O4'" B DT 3  B ? "C1'" B DT 3  B ? N1 B DT 3  B ? 111.31 108.30 3.01 0.30 N 
14 1 "O4'" B DC 4  B ? "C1'" B DC 4  B ? N1 B DC 4  B ? 111.30 108.30 3.00 0.30 N 
15 1 "O4'" B DG 5  B ? "C1'" B DG 5  B ? N9 B DG 5  B ? 113.06 108.30 4.76 0.30 N 
16 1 "O4'" B DT 6  B ? "C1'" B DT 6  B ? N1 B DT 6  B ? 112.07 108.30 3.77 0.30 N 
17 1 "O4'" B DG 7  B ? "C1'" B DG 7  B ? N9 B DG 7  B ? 110.60 108.30 2.30 0.30 N 
18 1 "O4'" B DA 8  B ? "C1'" B DA 8  B ? N9 B DA 8  B ? 111.05 108.30 2.75 0.30 N 
19 1 "O4'" B DC 9  B ? "C1'" B DC 9  B ? N1 B DC 9  B ? 111.30 108.30 3.00 0.30 N 
20 1 "O4'" B DC 10 B ? "C1'" B DC 10 B ? N1 B DC 10 B ? 111.18 108.30 2.88 0.30 N 
21 1 "O4'" B DG 11 B ? "C1'" B DG 11 B ? N9 B DG 11 B ? 111.06 108.30 2.76 0.30 N 
# 
loop_
_pdbx_validate_planes.id 
_pdbx_validate_planes.PDB_model_num 
_pdbx_validate_planes.auth_comp_id 
_pdbx_validate_planes.auth_asym_id 
_pdbx_validate_planes.auth_seq_id 
_pdbx_validate_planes.PDB_ins_code 
_pdbx_validate_planes.label_alt_id 
_pdbx_validate_planes.rmsd 
_pdbx_validate_planes.type 
1 1 DG A 3  ? ? 0.081 'SIDE CHAIN' 
2 1 DT A 4  ? ? 0.092 'SIDE CHAIN' 
3 1 DC A 5  ? ? 0.083 'SIDE CHAIN' 
4 1 DT B 3  B ? 0.068 'SIDE CHAIN' 
5 1 DG B 11 B ? 0.061 'SIDE CHAIN' 
# 
_pdbx_nmr_ensemble.entry_id                                      1JDG 
_pdbx_nmr_ensemble.conformers_calculated_total_number            11 
_pdbx_nmr_ensemble.conformers_submitted_total_number             1 
_pdbx_nmr_ensemble.conformer_selection_criteria                  ? 
_pdbx_nmr_ensemble.average_constraints_per_residue               ? 
_pdbx_nmr_ensemble.average_constraint_violations_per_residue     ? 
_pdbx_nmr_ensemble.maximum_distance_constraint_violation         ? 
_pdbx_nmr_ensemble.average_distance_constraint_violation         ? 
_pdbx_nmr_ensemble.maximum_upper_distance_constraint_violation   ? 
_pdbx_nmr_ensemble.maximum_lower_distance_constraint_violation   ? 
_pdbx_nmr_ensemble.distance_constraint_violation_method          ? 
_pdbx_nmr_ensemble.maximum_torsion_angle_constraint_violation    ? 
_pdbx_nmr_ensemble.average_torsion_angle_constraint_violation    ? 
_pdbx_nmr_ensemble.torsion_angle_constraint_violation_method     ? 
# 
_pdbx_nmr_sample_details.solution_id      1 
_pdbx_nmr_sample_details.contents         '2mM DNA' 
_pdbx_nmr_sample_details.solvent_system   ? 
# 
_pdbx_nmr_exptl_sample_conditions.conditions_id       1 
_pdbx_nmr_exptl_sample_conditions.temperature         278 
_pdbx_nmr_exptl_sample_conditions.pressure            ? 
_pdbx_nmr_exptl_sample_conditions.pH                  6.8 
_pdbx_nmr_exptl_sample_conditions.ionic_strength      0.1M 
_pdbx_nmr_exptl_sample_conditions.pressure_units      ? 
_pdbx_nmr_exptl_sample_conditions.temperature_units   K 
# 
loop_
_pdbx_nmr_exptl.experiment_id 
_pdbx_nmr_exptl.solution_id 
_pdbx_nmr_exptl.conditions_id 
_pdbx_nmr_exptl.type 
1 1 1 NOESY 
2 1 1 TOCSY 
3 1 1 ROESY 
# 
_pdbx_nmr_refine.entry_id           1JDG 
_pdbx_nmr_refine.method             
;Simulated Annealing, 
Restraint Molecular Dynamics, 
Relaxation Matrix Analysis
;
_pdbx_nmr_refine.details            ? 
_pdbx_nmr_refine.software_ordinal   1 
# 
loop_
_pdbx_nmr_software.name 
_pdbx_nmr_software.version 
_pdbx_nmr_software.classification 
_pdbx_nmr_software.authors 
_pdbx_nmr_software.ordinal 
Discover     3.0  refinement                    'Weiner, S.' 1 
Felix        2000 processing                    ?            2 
IRMA         2000 'iterative matrix relaxation' ?            3 
'Insight II' ?    'data analysis'               ?            4 
# 
loop_
_chem_comp_atom.comp_id 
_chem_comp_atom.atom_id 
_chem_comp_atom.type_symbol 
_chem_comp_atom.pdbx_aromatic_flag 
_chem_comp_atom.pdbx_stereo_config 
_chem_comp_atom.pdbx_ordinal 
BPA C10    C N N 1   
BPA C9     C N R 2   
BPA C8     C N S 3   
BPA C7     C N S 4   
BPA C6A    C Y N 5   
BPA C6     C Y N 6   
BPA C5A    C Y N 7   
BPA C5     C Y N 8   
BPA C4     C Y N 9   
BPA C3A    C Y N 10  
BPA C3     C Y N 11  
BPA C2     C Y N 12  
BPA C1     C Y N 13  
BPA C2A    C Y N 14  
BPA C2B    C Y N 15  
BPA C2C    C Y N 16  
BPA C12    C Y N 17  
BPA C11    C Y N 18  
BPA C1B    C Y N 19  
BPA C1A    C Y N 20  
BPA O9     O N N 21  
BPA O8     O N N 22  
BPA O7     O N N 23  
BPA H101   H N N 24  
BPA H102   H N N 25  
BPA H9     H N N 26  
BPA H8     H N N 27  
BPA H7     H N N 28  
BPA H6     H N N 29  
BPA H5     H N N 30  
BPA H4     H N N 31  
BPA H3     H N N 32  
BPA H2     H N N 33  
BPA H1     H N N 34  
BPA H12    H N N 35  
BPA H11    H N N 36  
BPA HO9    H N N 37  
BPA HO8    H N N 38  
BPA HO7    H N N 39  
DA  OP3    O N N 40  
DA  P      P N N 41  
DA  OP1    O N N 42  
DA  OP2    O N N 43  
DA  "O5'"  O N N 44  
DA  "C5'"  C N N 45  
DA  "C4'"  C N R 46  
DA  "O4'"  O N N 47  
DA  "C3'"  C N S 48  
DA  "O3'"  O N N 49  
DA  "C2'"  C N N 50  
DA  "C1'"  C N R 51  
DA  N9     N Y N 52  
DA  C8     C Y N 53  
DA  N7     N Y N 54  
DA  C5     C Y N 55  
DA  C6     C Y N 56  
DA  N6     N N N 57  
DA  N1     N Y N 58  
DA  C2     C Y N 59  
DA  N3     N Y N 60  
DA  C4     C Y N 61  
DA  HOP3   H N N 62  
DA  HOP2   H N N 63  
DA  "H5'"  H N N 64  
DA  "H5''" H N N 65  
DA  "H4'"  H N N 66  
DA  "H3'"  H N N 67  
DA  "HO3'" H N N 68  
DA  "H2'"  H N N 69  
DA  "H2''" H N N 70  
DA  "H1'"  H N N 71  
DA  H8     H N N 72  
DA  H61    H N N 73  
DA  H62    H N N 74  
DA  H2     H N N 75  
DC  OP3    O N N 76  
DC  P      P N N 77  
DC  OP1    O N N 78  
DC  OP2    O N N 79  
DC  "O5'"  O N N 80  
DC  "C5'"  C N N 81  
DC  "C4'"  C N R 82  
DC  "O4'"  O N N 83  
DC  "C3'"  C N S 84  
DC  "O3'"  O N N 85  
DC  "C2'"  C N N 86  
DC  "C1'"  C N R 87  
DC  N1     N N N 88  
DC  C2     C N N 89  
DC  O2     O N N 90  
DC  N3     N N N 91  
DC  C4     C N N 92  
DC  N4     N N N 93  
DC  C5     C N N 94  
DC  C6     C N N 95  
DC  HOP3   H N N 96  
DC  HOP2   H N N 97  
DC  "H5'"  H N N 98  
DC  "H5''" H N N 99  
DC  "H4'"  H N N 100 
DC  "H3'"  H N N 101 
DC  "HO3'" H N N 102 
DC  "H2'"  H N N 103 
DC  "H2''" H N N 104 
DC  "H1'"  H N N 105 
DC  H41    H N N 106 
DC  H42    H N N 107 
DC  H5     H N N 108 
DC  H6     H N N 109 
DG  OP3    O N N 110 
DG  P      P N N 111 
DG  OP1    O N N 112 
DG  OP2    O N N 113 
DG  "O5'"  O N N 114 
DG  "C5'"  C N N 115 
DG  "C4'"  C N R 116 
DG  "O4'"  O N N 117 
DG  "C3'"  C N S 118 
DG  "O3'"  O N N 119 
DG  "C2'"  C N N 120 
DG  "C1'"  C N R 121 
DG  N9     N Y N 122 
DG  C8     C Y N 123 
DG  N7     N Y N 124 
DG  C5     C Y N 125 
DG  C6     C N N 126 
DG  O6     O N N 127 
DG  N1     N N N 128 
DG  C2     C N N 129 
DG  N2     N N N 130 
DG  N3     N N N 131 
DG  C4     C Y N 132 
DG  HOP3   H N N 133 
DG  HOP2   H N N 134 
DG  "H5'"  H N N 135 
DG  "H5''" H N N 136 
DG  "H4'"  H N N 137 
DG  "H3'"  H N N 138 
DG  "HO3'" H N N 139 
DG  "H2'"  H N N 140 
DG  "H2''" H N N 141 
DG  "H1'"  H N N 142 
DG  H8     H N N 143 
DG  H1     H N N 144 
DG  H21    H N N 145 
DG  H22    H N N 146 
DT  OP3    O N N 147 
DT  P      P N N 148 
DT  OP1    O N N 149 
DT  OP2    O N N 150 
DT  "O5'"  O N N 151 
DT  "C5'"  C N N 152 
DT  "C4'"  C N R 153 
DT  "O4'"  O N N 154 
DT  "C3'"  C N S 155 
DT  "O3'"  O N N 156 
DT  "C2'"  C N N 157 
DT  "C1'"  C N R 158 
DT  N1     N N N 159 
DT  C2     C N N 160 
DT  O2     O N N 161 
DT  N3     N N N 162 
DT  C4     C N N 163 
DT  O4     O N N 164 
DT  C5     C N N 165 
DT  C7     C N N 166 
DT  C6     C N N 167 
DT  HOP3   H N N 168 
DT  HOP2   H N N 169 
DT  "H5'"  H N N 170 
DT  "H5''" H N N 171 
DT  "H4'"  H N N 172 
DT  "H3'"  H N N 173 
DT  "HO3'" H N N 174 
DT  "H2'"  H N N 175 
DT  "H2''" H N N 176 
DT  "H1'"  H N N 177 
DT  H3     H N N 178 
DT  H71    H N N 179 
DT  H72    H N N 180 
DT  H73    H N N 181 
DT  H6     H N N 182 
# 
loop_
_chem_comp_bond.comp_id 
_chem_comp_bond.atom_id_1 
_chem_comp_bond.atom_id_2 
_chem_comp_bond.value_order 
_chem_comp_bond.pdbx_aromatic_flag 
_chem_comp_bond.pdbx_stereo_config 
_chem_comp_bond.pdbx_ordinal 
BPA C10   C9     sing N N 1   
BPA C10   C1A    sing N N 2   
BPA C10   H101   sing N N 3   
BPA C10   H102   sing N N 4   
BPA C9    C8     sing N N 5   
BPA C9    O9     sing N N 6   
BPA C9    H9     sing N N 7   
BPA C8    C7     sing N N 8   
BPA C8    O8     sing N N 9   
BPA C8    H8     sing N N 10  
BPA C7    C6A    sing N N 11  
BPA C7    O7     sing N N 12  
BPA C7    H7     sing N N 13  
BPA C6A   C6     doub Y N 14  
BPA C6A   C1A    sing Y N 15  
BPA C6    C5A    sing Y N 16  
BPA C6    H6     sing N N 17  
BPA C5A   C5     doub Y N 18  
BPA C5A   C2C    sing Y N 19  
BPA C5    C4     sing Y N 20  
BPA C5    H5     sing N N 21  
BPA C4    C3A    doub Y N 22  
BPA C4    H4     sing N N 23  
BPA C3A   C3     sing Y N 24  
BPA C3A   C2B    sing Y N 25  
BPA C3    C2     doub Y N 26  
BPA C3    H3     sing N N 27  
BPA C2    C1     sing Y N 28  
BPA C2    H2     sing N N 29  
BPA C1    C2A    doub Y N 30  
BPA C1    H1     sing N N 31  
BPA C2A   C2B    sing Y N 32  
BPA C2A   C12    sing Y N 33  
BPA C2B   C2C    doub Y N 34  
BPA C2C   C1B    sing Y N 35  
BPA C12   C11    doub Y N 36  
BPA C12   H12    sing N N 37  
BPA C11   C1B    sing Y N 38  
BPA C11   H11    sing N N 39  
BPA C1B   C1A    doub Y N 40  
BPA O9    HO9    sing N N 41  
BPA O8    HO8    sing N N 42  
BPA O7    HO7    sing N N 43  
DA  OP3   P      sing N N 44  
DA  OP3   HOP3   sing N N 45  
DA  P     OP1    doub N N 46  
DA  P     OP2    sing N N 47  
DA  P     "O5'"  sing N N 48  
DA  OP2   HOP2   sing N N 49  
DA  "O5'" "C5'"  sing N N 50  
DA  "C5'" "C4'"  sing N N 51  
DA  "C5'" "H5'"  sing N N 52  
DA  "C5'" "H5''" sing N N 53  
DA  "C4'" "O4'"  sing N N 54  
DA  "C4'" "C3'"  sing N N 55  
DA  "C4'" "H4'"  sing N N 56  
DA  "O4'" "C1'"  sing N N 57  
DA  "C3'" "O3'"  sing N N 58  
DA  "C3'" "C2'"  sing N N 59  
DA  "C3'" "H3'"  sing N N 60  
DA  "O3'" "HO3'" sing N N 61  
DA  "C2'" "C1'"  sing N N 62  
DA  "C2'" "H2'"  sing N N 63  
DA  "C2'" "H2''" sing N N 64  
DA  "C1'" N9     sing N N 65  
DA  "C1'" "H1'"  sing N N 66  
DA  N9    C8     sing Y N 67  
DA  N9    C4     sing Y N 68  
DA  C8    N7     doub Y N 69  
DA  C8    H8     sing N N 70  
DA  N7    C5     sing Y N 71  
DA  C5    C6     sing Y N 72  
DA  C5    C4     doub Y N 73  
DA  C6    N6     sing N N 74  
DA  C6    N1     doub Y N 75  
DA  N6    H61    sing N N 76  
DA  N6    H62    sing N N 77  
DA  N1    C2     sing Y N 78  
DA  C2    N3     doub Y N 79  
DA  C2    H2     sing N N 80  
DA  N3    C4     sing Y N 81  
DC  OP3   P      sing N N 82  
DC  OP3   HOP3   sing N N 83  
DC  P     OP1    doub N N 84  
DC  P     OP2    sing N N 85  
DC  P     "O5'"  sing N N 86  
DC  OP2   HOP2   sing N N 87  
DC  "O5'" "C5'"  sing N N 88  
DC  "C5'" "C4'"  sing N N 89  
DC  "C5'" "H5'"  sing N N 90  
DC  "C5'" "H5''" sing N N 91  
DC  "C4'" "O4'"  sing N N 92  
DC  "C4'" "C3'"  sing N N 93  
DC  "C4'" "H4'"  sing N N 94  
DC  "O4'" "C1'"  sing N N 95  
DC  "C3'" "O3'"  sing N N 96  
DC  "C3'" "C2'"  sing N N 97  
DC  "C3'" "H3'"  sing N N 98  
DC  "O3'" "HO3'" sing N N 99  
DC  "C2'" "C1'"  sing N N 100 
DC  "C2'" "H2'"  sing N N 101 
DC  "C2'" "H2''" sing N N 102 
DC  "C1'" N1     sing N N 103 
DC  "C1'" "H1'"  sing N N 104 
DC  N1    C2     sing N N 105 
DC  N1    C6     sing N N 106 
DC  C2    O2     doub N N 107 
DC  C2    N3     sing N N 108 
DC  N3    C4     doub N N 109 
DC  C4    N4     sing N N 110 
DC  C4    C5     sing N N 111 
DC  N4    H41    sing N N 112 
DC  N4    H42    sing N N 113 
DC  C5    C6     doub N N 114 
DC  C5    H5     sing N N 115 
DC  C6    H6     sing N N 116 
DG  OP3   P      sing N N 117 
DG  OP3   HOP3   sing N N 118 
DG  P     OP1    doub N N 119 
DG  P     OP2    sing N N 120 
DG  P     "O5'"  sing N N 121 
DG  OP2   HOP2   sing N N 122 
DG  "O5'" "C5'"  sing N N 123 
DG  "C5'" "C4'"  sing N N 124 
DG  "C5'" "H5'"  sing N N 125 
DG  "C5'" "H5''" sing N N 126 
DG  "C4'" "O4'"  sing N N 127 
DG  "C4'" "C3'"  sing N N 128 
DG  "C4'" "H4'"  sing N N 129 
DG  "O4'" "C1'"  sing N N 130 
DG  "C3'" "O3'"  sing N N 131 
DG  "C3'" "C2'"  sing N N 132 
DG  "C3'" "H3'"  sing N N 133 
DG  "O3'" "HO3'" sing N N 134 
DG  "C2'" "C1'"  sing N N 135 
DG  "C2'" "H2'"  sing N N 136 
DG  "C2'" "H2''" sing N N 137 
DG  "C1'" N9     sing N N 138 
DG  "C1'" "H1'"  sing N N 139 
DG  N9    C8     sing Y N 140 
DG  N9    C4     sing Y N 141 
DG  C8    N7     doub Y N 142 
DG  C8    H8     sing N N 143 
DG  N7    C5     sing Y N 144 
DG  C5    C6     sing N N 145 
DG  C5    C4     doub Y N 146 
DG  C6    O6     doub N N 147 
DG  C6    N1     sing N N 148 
DG  N1    C2     sing N N 149 
DG  N1    H1     sing N N 150 
DG  C2    N2     sing N N 151 
DG  C2    N3     doub N N 152 
DG  N2    H21    sing N N 153 
DG  N2    H22    sing N N 154 
DG  N3    C4     sing N N 155 
DT  OP3   P      sing N N 156 
DT  OP3   HOP3   sing N N 157 
DT  P     OP1    doub N N 158 
DT  P     OP2    sing N N 159 
DT  P     "O5'"  sing N N 160 
DT  OP2   HOP2   sing N N 161 
DT  "O5'" "C5'"  sing N N 162 
DT  "C5'" "C4'"  sing N N 163 
DT  "C5'" "H5'"  sing N N 164 
DT  "C5'" "H5''" sing N N 165 
DT  "C4'" "O4'"  sing N N 166 
DT  "C4'" "C3'"  sing N N 167 
DT  "C4'" "H4'"  sing N N 168 
DT  "O4'" "C1'"  sing N N 169 
DT  "C3'" "O3'"  sing N N 170 
DT  "C3'" "C2'"  sing N N 171 
DT  "C3'" "H3'"  sing N N 172 
DT  "O3'" "HO3'" sing N N 173 
DT  "C2'" "C1'"  sing N N 174 
DT  "C2'" "H2'"  sing N N 175 
DT  "C2'" "H2''" sing N N 176 
DT  "C1'" N1     sing N N 177 
DT  "C1'" "H1'"  sing N N 178 
DT  N1    C2     sing N N 179 
DT  N1    C6     sing N N 180 
DT  C2    O2     doub N N 181 
DT  C2    N3     sing N N 182 
DT  N3    C4     sing N N 183 
DT  N3    H3     sing N N 184 
DT  C4    O4     doub N N 185 
DT  C4    C5     sing N N 186 
DT  C5    C7     sing N N 187 
DT  C5    C6     doub N N 188 
DT  C7    H71    sing N N 189 
DT  C7    H72    sing N N 190 
DT  C7    H73    sing N N 191 
DT  C6    H6     sing N N 192 
# 
loop_
_ndb_struct_conf_na.entry_id 
_ndb_struct_conf_na.feature 
1JDG 'double helix'        
1JDG 'b-form double helix' 
# 
loop_
_ndb_struct_na_base_pair.model_number 
_ndb_struct_na_base_pair.i_label_asym_id 
_ndb_struct_na_base_pair.i_label_comp_id 
_ndb_struct_na_base_pair.i_label_seq_id 
_ndb_struct_na_base_pair.i_symmetry 
_ndb_struct_na_base_pair.j_label_asym_id 
_ndb_struct_na_base_pair.j_label_comp_id 
_ndb_struct_na_base_pair.j_label_seq_id 
_ndb_struct_na_base_pair.j_symmetry 
_ndb_struct_na_base_pair.shear 
_ndb_struct_na_base_pair.stretch 
_ndb_struct_na_base_pair.stagger 
_ndb_struct_na_base_pair.buckle 
_ndb_struct_na_base_pair.propeller 
_ndb_struct_na_base_pair.opening 
_ndb_struct_na_base_pair.pair_number 
_ndb_struct_na_base_pair.pair_name 
_ndb_struct_na_base_pair.i_auth_asym_id 
_ndb_struct_na_base_pair.i_auth_seq_id 
_ndb_struct_na_base_pair.i_PDB_ins_code 
_ndb_struct_na_base_pair.j_auth_asym_id 
_ndb_struct_na_base_pair.j_auth_seq_id 
_ndb_struct_na_base_pair.j_PDB_ins_code 
_ndb_struct_na_base_pair.hbond_type_28 
_ndb_struct_na_base_pair.hbond_type_12 
1 A DC 1  1_555 B DG 11 1_555 -0.615 0.120  -0.055 13.365  -7.832  -2.507  1  A_DC1:DG11B_B A 1  ? B 11 B 19 1 
1 A DG 2  1_555 B DC 10 1_555 -1.153 -0.362 0.099  1.606   -8.762  -2.132  2  A_DG2:DC10B_B A 2  ? B 10 B 19 1 
1 A DG 3  1_555 B DC 9  1_555 -1.075 -0.298 -0.036 1.319   -8.068  -2.385  3  A_DG3:DC9B_B  A 3  ? B 9  B 19 1 
1 A DT 4  1_555 B DA 8  1_555 0.539  -0.083 -0.226 3.498   -11.641 -3.905  4  A_DT4:DA8B_B  A 4  ? B 8  B 20 1 
1 A DC 5  1_555 B DG 7  1_555 1.089  -0.309 0.213  4.221   -11.809 -2.512  5  A_DC5:DG7B_B  A 5  ? B 7  B 19 1 
1 A DA 6  1_555 B DT 6  1_555 2.695  -4.852 -0.849 29.362  14.984  103.870 6  A_DA6:DT6B_B  A 6  ? B 6  B ?  ? 
1 A DC 7  1_555 B DG 5  1_555 -0.306 0.139  0.645  -23.971 -0.161  -1.004  7  A_DC7:DG5B_B  A 7  ? B 5  B 19 1 
1 A DG 8  1_555 B DC 4  1_555 0.336  0.093  0.105  -1.535  -5.155  -1.148  8  A_DG8:DC4B_B  A 8  ? B 4  B 19 1 
1 A DA 9  1_555 B DT 3  1_555 -0.635 -0.115 0.077  1.342   -7.591  -2.565  9  A_DA9:DT3B_B  A 9  ? B 3  B 20 1 
1 A DG 10 1_555 B DC 2  1_555 -1.097 -0.315 -0.032 3.502   -5.225  -2.141  10 A_DG10:DC2B_B A 10 ? B 2  B 19 1 
1 A DG 11 1_555 B DC 1  1_555 0.474  0.089  -0.289 -2.061  -4.328  -2.217  11 A_DG11:DC1B_B A 11 ? B 1  B 19 1 
# 
loop_
_ndb_struct_na_base_pair_step.model_number 
_ndb_struct_na_base_pair_step.i_label_asym_id_1 
_ndb_struct_na_base_pair_step.i_label_comp_id_1 
_ndb_struct_na_base_pair_step.i_label_seq_id_1 
_ndb_struct_na_base_pair_step.i_symmetry_1 
_ndb_struct_na_base_pair_step.j_label_asym_id_1 
_ndb_struct_na_base_pair_step.j_label_comp_id_1 
_ndb_struct_na_base_pair_step.j_label_seq_id_1 
_ndb_struct_na_base_pair_step.j_symmetry_1 
_ndb_struct_na_base_pair_step.i_label_asym_id_2 
_ndb_struct_na_base_pair_step.i_label_comp_id_2 
_ndb_struct_na_base_pair_step.i_label_seq_id_2 
_ndb_struct_na_base_pair_step.i_symmetry_2 
_ndb_struct_na_base_pair_step.j_label_asym_id_2 
_ndb_struct_na_base_pair_step.j_label_comp_id_2 
_ndb_struct_na_base_pair_step.j_label_seq_id_2 
_ndb_struct_na_base_pair_step.j_symmetry_2 
_ndb_struct_na_base_pair_step.shift 
_ndb_struct_na_base_pair_step.slide 
_ndb_struct_na_base_pair_step.rise 
_ndb_struct_na_base_pair_step.tilt 
_ndb_struct_na_base_pair_step.roll 
_ndb_struct_na_base_pair_step.twist 
_ndb_struct_na_base_pair_step.x_displacement 
_ndb_struct_na_base_pair_step.y_displacement 
_ndb_struct_na_base_pair_step.helical_rise 
_ndb_struct_na_base_pair_step.inclination 
_ndb_struct_na_base_pair_step.tip 
_ndb_struct_na_base_pair_step.helical_twist 
_ndb_struct_na_base_pair_step.step_number 
_ndb_struct_na_base_pair_step.step_name 
_ndb_struct_na_base_pair_step.i_auth_asym_id_1 
_ndb_struct_na_base_pair_step.i_auth_seq_id_1 
_ndb_struct_na_base_pair_step.i_PDB_ins_code_1 
_ndb_struct_na_base_pair_step.j_auth_asym_id_1 
_ndb_struct_na_base_pair_step.j_auth_seq_id_1 
_ndb_struct_na_base_pair_step.j_PDB_ins_code_1 
_ndb_struct_na_base_pair_step.i_auth_asym_id_2 
_ndb_struct_na_base_pair_step.i_auth_seq_id_2 
_ndb_struct_na_base_pair_step.i_PDB_ins_code_2 
_ndb_struct_na_base_pair_step.j_auth_asym_id_2 
_ndb_struct_na_base_pair_step.j_auth_seq_id_2 
_ndb_struct_na_base_pair_step.j_PDB_ins_code_2 
1 A DC 1  1_555 B DG 11 1_555 A DG 2  1_555 B DC 10 1_555 0.143  -1.492 3.274  -3.453   6.263   31.887 -3.692 -0.826 2.905 11.224  
6.189   32.659  1  AA_DC1DG2:DC10BDG11B_BB A 1  ? B 11 B A 2  ? B 10 B 
1 A DG 2  1_555 B DC 10 1_555 A DG 3  1_555 B DC 9  1_555 -0.109 -1.282 3.111  0.140    1.445   35.077 -2.329 0.201  3.057 2.397   
-0.233  35.106  2  AA_DG2DG3:DC9BDC10B_BB  A 2  ? B 10 B A 3  ? B 9  B 
1 A DG 3  1_555 B DC 9  1_555 A DT 4  1_555 B DA 8  1_555 -0.331 -0.728 3.099  1.199    1.332   39.569 -1.222 0.620  3.063 1.967   
-1.769  39.608  3  AA_DG3DT4:DA8BDC9B_BB   A 3  ? B 9  B A 4  ? B 8  B 
1 A DT 4  1_555 B DA 8  1_555 A DC 5  1_555 B DG 7  1_555 -0.112 -1.000 3.153  -4.300   2.414   33.609 -2.081 -0.467 3.066 4.147   
7.388   33.959  4  AA_DT4DC5:DG7BDA8B_BB   A 4  ? B 8  B A 5  ? B 7  B 
1 A DC 5  1_555 B DG 7  1_555 A DA 6  1_555 B DT 6  1_555 0.823  -3.625 2.306  -174.009 -0.564  87.916 -1.811 -1.118 1.018 -0.285  
87.920  175.689 5  AA_DC5DA6:DT6BDG7B_BB   A 5  ? B 7  B A 6  ? B 6  B 
1 A DA 6  1_555 B DT 6  1_555 A DC 7  1_555 B DG 5  1_555 -0.987 -5.527 -1.957 135.443  -77.783 46.175 -2.981 0.213  0.957 -42.467 
-73.947 158.121 6  AA_DA6DC7:DG5BDT6B_BB   A 6  ? B 6  B A 7  ? B 5  B 
1 A DC 7  1_555 B DG 5  1_555 A DG 8  1_555 B DC 4  1_555 -0.341 -1.411 2.503  6.025    3.782   26.516 -3.650 1.795  2.156 8.062   
-12.845 27.437  7  AA_DC7DG8:DC4BDG5B_BB   A 7  ? B 5  B A 8  ? B 4  B 
1 A DG 8  1_555 B DC 4  1_555 A DA 9  1_555 B DT 3  1_555 0.237  -1.433 2.990  0.659    3.767   27.784 -3.745 -0.351 2.780 7.798   
-1.364  28.041  8  AA_DG8DA9:DT3BDC4B_BB   A 8  ? B 4  B A 9  ? B 3  B 
1 A DA 9  1_555 B DT 3  1_555 A DG 10 1_555 B DC 2  1_555 0.194  -1.723 3.053  -0.404   1.855   29.573 -3.727 -0.458 2.939 3.630   
0.790   29.632  9  AA_DA9DG10:DC2BDT3B_BB  A 9  ? B 3  B A 10 ? B 2  B 
1 A DG 10 1_555 B DC 2  1_555 A DG 11 1_555 B DC 1  1_555 -0.096 -1.304 3.345  1.299    1.698   38.055 -2.215 0.313  3.281 2.602   
-1.991  38.113  10 AA_DG10DG11:DC1BDC2B_BB A 10 ? B 2  B A 11 ? B 1  B 
# 
_pdbx_nmr_spectrometer.spectrometer_id   1 
_pdbx_nmr_spectrometer.type              ? 
_pdbx_nmr_spectrometer.manufacturer      Varian 
_pdbx_nmr_spectrometer.model             VXRS 
_pdbx_nmr_spectrometer.field_strength    500 
# 
_atom_sites.entry_id                    1JDG 
_atom_sites.fract_transf_matrix[1][1]   1.000000 
_atom_sites.fract_transf_matrix[1][2]   0.000000 
_atom_sites.fract_transf_matrix[1][3]   0.000000 
_atom_sites.fract_transf_matrix[2][1]   0.000000 
_atom_sites.fract_transf_matrix[2][2]   1.000000 
_atom_sites.fract_transf_matrix[2][3]   0.000000 
_atom_sites.fract_transf_matrix[3][1]   0.000000 
_atom_sites.fract_transf_matrix[3][2]   0.000000 
_atom_sites.fract_transf_matrix[3][3]   1.000000 
_atom_sites.fract_transf_vector[1]      0.00000 
_atom_sites.fract_transf_vector[2]      0.00000 
_atom_sites.fract_transf_vector[3]      0.00000 
# 
loop_
_atom_type.symbol 
C 
H 
N 
O 
P 
# 
loop_
_atom_site.group_PDB 
_atom_site.id 
_atom_site.type_symbol 
_atom_site.label_atom_id 
_atom_site.label_alt_id 
_atom_site.label_comp_id 
_atom_site.label_asym_id 
_atom_site.label_entity_id 
_atom_site.label_seq_id 
_atom_site.pdbx_PDB_ins_code 
_atom_site.Cartn_x 
_atom_site.Cartn_y 
_atom_site.Cartn_z 
_atom_site.occupancy 
_atom_site.B_iso_or_equiv 
_atom_site.pdbx_formal_charge 
_atom_site.auth_seq_id 
_atom_site.auth_comp_id 
_atom_site.auth_asym_id 
_atom_site.auth_atom_id 
_atom_site.pdbx_PDB_model_num 
ATOM   1   O "O5'"  . DC  A 1 1  ? 6.416   -16.715 -4.188  1.00 0.00 ? 1  DC  A "O5'"  1 
ATOM   2   C "C5'"  . DC  A 1 1  ? 6.724   -17.240 -5.464  1.00 0.00 ? 1  DC  A "C5'"  1 
ATOM   3   C "C4'"  . DC  A 1 1  ? 5.834   -16.611 -6.548  1.00 0.00 ? 1  DC  A "C4'"  1 
ATOM   4   O "O4'"  . DC  A 1 1  ? 4.473   -16.919 -6.282  1.00 0.00 ? 1  DC  A "O4'"  1 
ATOM   5   C "C3'"  . DC  A 1 1  ? 5.964   -15.077 -6.623  1.00 0.00 ? 1  DC  A "C3'"  1 
ATOM   6   O "O3'"  . DC  A 1 1  ? 6.199   -14.681 -7.971  1.00 0.00 ? 1  DC  A "O3'"  1 
ATOM   7   C "C2'"  . DC  A 1 1  ? 4.607   -14.604 -6.093  1.00 0.00 ? 1  DC  A "C2'"  1 
ATOM   8   C "C1'"  . DC  A 1 1  ? 3.693   -15.760 -6.503  1.00 0.00 ? 1  DC  A "C1'"  1 
ATOM   9   N N1     . DC  A 1 1  ? 2.425   -15.800 -5.709  1.00 0.00 ? 1  DC  A N1     1 
ATOM   10  C C2     . DC  A 1 1  ? 1.194   -15.549 -6.345  1.00 0.00 ? 1  DC  A C2     1 
ATOM   11  O O2     . DC  A 1 1  ? 1.134   -15.278 -7.543  1.00 0.00 ? 1  DC  A O2     1 
ATOM   12  N N3     . DC  A 1 1  ? 0.046   -15.605 -5.595  1.00 0.00 ? 1  DC  A N3     1 
ATOM   13  C C4     . DC  A 1 1  ? 0.081   -15.879 -4.273  1.00 0.00 ? 1  DC  A C4     1 
ATOM   14  N N4     . DC  A 1 1  ? -1.070  -15.932 -3.588  1.00 0.00 ? 1  DC  A N4     1 
ATOM   15  C C5     . DC  A 1 1  ? 1.332   -16.134 -3.600  1.00 0.00 ? 1  DC  A C5     1 
ATOM   16  C C6     . DC  A 1 1  ? 2.461   -16.085 -4.355  1.00 0.00 ? 1  DC  A C6     1 
ATOM   17  H "H5'"  . DC  A 1 1  ? 6.576   -18.320 -5.446  1.00 0.00 ? 1  DC  A "H5'"  1 
ATOM   18  H "H5''" . DC  A 1 1  ? 7.770   -17.034 -5.686  1.00 0.00 ? 1  DC  A "H5''" 1 
ATOM   19  H "H4'"  . DC  A 1 1  ? 6.102   -17.063 -7.506  1.00 0.00 ? 1  DC  A "H4'"  1 
ATOM   20  H "H3'"  . DC  A 1 1  ? 6.777   -14.719 -5.987  1.00 0.00 ? 1  DC  A "H3'"  1 
ATOM   21  H "H2'"  . DC  A 1 1  ? 4.664   -14.530 -5.007  1.00 0.00 ? 1  DC  A "H2'"  1 
ATOM   22  H "H2''" . DC  A 1 1  ? 4.280   -13.647 -6.496  1.00 0.00 ? 1  DC  A "H2''" 1 
ATOM   23  H "H1'"  . DC  A 1 1  ? 3.515   -15.697 -7.577  1.00 0.00 ? 1  DC  A "H1'"  1 
ATOM   24  H H41    . DC  A 1 1  ? -1.947  -15.759 -4.058  1.00 0.00 ? 1  DC  A H41    1 
ATOM   25  H H42    . DC  A 1 1  ? -1.063  -16.143 -2.601  1.00 0.00 ? 1  DC  A H42    1 
ATOM   26  H H5     . DC  A 1 1  ? 1.406   -16.362 -2.546  1.00 0.00 ? 1  DC  A H5     1 
ATOM   27  H H6     . DC  A 1 1  ? 3.410   -16.282 -3.880  1.00 0.00 ? 1  DC  A H6     1 
ATOM   28  H "HO5'" . DC  A 1 1  ? 5.489   -16.884 -4.006  1.00 0.00 ? 1  DC  A "HO5'" 1 
ATOM   29  P P      . DG  A 1 2  ? 6.493   -13.146 -8.406  1.00 0.00 ? 2  DG  A P      1 
ATOM   30  O OP1    . DG  A 1 2  ? 7.266   -13.169 -9.668  1.00 0.00 ? 2  DG  A OP1    1 
ATOM   31  O OP2    . DG  A 1 2  ? 7.031   -12.416 -7.235  1.00 0.00 ? 2  DG  A OP2    1 
ATOM   32  O "O5'"  . DG  A 1 2  ? 5.019   -12.559 -8.724  1.00 0.00 ? 2  DG  A "O5'"  1 
ATOM   33  C "C5'"  . DG  A 1 2  ? 4.306   -12.911 -9.898  1.00 0.00 ? 2  DG  A "C5'"  1 
ATOM   34  C "C4'"  . DG  A 1 2  ? 2.946   -12.202 -9.937  1.00 0.00 ? 2  DG  A "C4'"  1 
ATOM   35  O "O4'"  . DG  A 1 2  ? 2.105   -12.682 -8.901  1.00 0.00 ? 2  DG  A "O4'"  1 
ATOM   36  C "C3'"  . DG  A 1 2  ? 3.039   -10.668 -9.778  1.00 0.00 ? 2  DG  A "C3'"  1 
ATOM   37  O "O3'"  . DG  A 1 2  ? 2.459   -10.039 -10.915 1.00 0.00 ? 2  DG  A "O3'"  1 
ATOM   38  C "C2'"  . DG  A 1 2  ? 2.250   -10.420 -8.486  1.00 0.00 ? 2  DG  A "C2'"  1 
ATOM   39  C "C1'"  . DG  A 1 2  ? 1.290   -11.605 -8.488  1.00 0.00 ? 2  DG  A "C1'"  1 
ATOM   40  N N9     . DG  A 1 2  ? 0.694   -11.858 -7.154  1.00 0.00 ? 2  DG  A N9     1 
ATOM   41  C C8     . DG  A 1 2  ? 1.301   -12.331 -6.017  1.00 0.00 ? 2  DG  A C8     1 
ATOM   42  N N7     . DG  A 1 2  ? 0.493   -12.517 -5.012  1.00 0.00 ? 2  DG  A N7     1 
ATOM   43  C C5     . DG  A 1 2  ? -0.745  -12.120 -5.504  1.00 0.00 ? 2  DG  A C5     1 
ATOM   44  C C6     . DG  A 1 2  ? -2.032  -12.115 -4.872  1.00 0.00 ? 2  DG  A C6     1 
ATOM   45  O O6     . DG  A 1 2  ? -2.323  -12.554 -3.763  1.00 0.00 ? 2  DG  A O6     1 
ATOM   46  N N1     . DG  A 1 2  ? -3.032  -11.548 -5.674  1.00 0.00 ? 2  DG  A N1     1 
ATOM   47  C C2     . DG  A 1 2  ? -2.819  -11.075 -6.967  1.00 0.00 ? 2  DG  A C2     1 
ATOM   48  N N2     . DG  A 1 2  ? -3.869  -10.549 -7.610  1.00 0.00 ? 2  DG  A N2     1 
ATOM   49  N N3     . DG  A 1 2  ? -1.621  -11.159 -7.587  1.00 0.00 ? 2  DG  A N3     1 
ATOM   50  C C4     . DG  A 1 2  ? -0.624  -11.676 -6.805  1.00 0.00 ? 2  DG  A C4     1 
ATOM   51  H "H5'"  . DG  A 1 2  ? 4.152   -13.991 -9.937  1.00 0.00 ? 2  DG  A "H5'"  1 
ATOM   52  H "H5''" . DG  A 1 2  ? 4.875   -12.607 -10.779 1.00 0.00 ? 2  DG  A "H5''" 1 
ATOM   53  H "H4'"  . DG  A 1 2  ? 2.463   -12.456 -10.884 1.00 0.00 ? 2  DG  A "H4'"  1 
ATOM   54  H "H3'"  . DG  A 1 2  ? 4.073   -10.337 -9.665  1.00 0.00 ? 2  DG  A "H3'"  1 
ATOM   55  H "H2'"  . DG  A 1 2  ? 2.930   -10.491 -7.634  1.00 0.00 ? 2  DG  A "H2'"  1 
ATOM   56  H "H2''" . DG  A 1 2  ? 1.726   -9.466  -8.450  1.00 0.00 ? 2  DG  A "H2''" 1 
ATOM   57  H "H1'"  . DG  A 1 2  ? 0.510   -11.445 -9.238  1.00 0.00 ? 2  DG  A "H1'"  1 
ATOM   58  H H8     . DG  A 1 2  ? 2.357   -12.556 -5.962  1.00 0.00 ? 2  DG  A H8     1 
ATOM   59  H H1     . DG  A 1 2  ? -3.961  -11.490 -5.281  1.00 0.00 ? 2  DG  A H1     1 
ATOM   60  H H21    . DG  A 1 2  ? -4.770  -10.502 -7.155  1.00 0.00 ? 2  DG  A H21    1 
ATOM   61  H H22    . DG  A 1 2  ? -3.758  -10.199 -8.550  1.00 0.00 ? 2  DG  A H22    1 
ATOM   62  P P      . DG  A 1 3  ? 2.395   -8.430  -11.107 1.00 0.00 ? 3  DG  A P      1 
ATOM   63  O OP1    . DG  A 1 3  ? 2.372   -8.142  -12.559 1.00 0.00 ? 3  DG  A OP1    1 
ATOM   64  O OP2    . DG  A 1 3  ? 3.434   -7.808  -10.255 1.00 0.00 ? 3  DG  A OP2    1 
ATOM   65  O "O5'"  . DG  A 1 3  ? 0.948   -8.045  -10.492 1.00 0.00 ? 3  DG  A "O5'"  1 
ATOM   66  C "C5'"  . DG  A 1 3  ? -0.263  -8.425  -11.128 1.00 0.00 ? 3  DG  A "C5'"  1 
ATOM   67  C "C4'"  . DG  A 1 3  ? -1.473  -7.873  -10.364 1.00 0.00 ? 3  DG  A "C4'"  1 
ATOM   68  O "O4'"  . DG  A 1 3  ? -1.571  -8.464  -9.079  1.00 0.00 ? 3  DG  A "O4'"  1 
ATOM   69  C "C3'"  . DG  A 1 3  ? -1.432  -6.343  -10.163 1.00 0.00 ? 3  DG  A "C3'"  1 
ATOM   70  O "O3'"  . DG  A 1 3  ? -2.589  -5.769  -10.762 1.00 0.00 ? 3  DG  A "O3'"  1 
ATOM   71  C "C2'"  . DG  A 1 3  ? -1.398  -6.209  -8.634  1.00 0.00 ? 3  DG  A "C2'"  1 
ATOM   72  C "C1'"  . DG  A 1 3  ? -2.095  -7.493  -8.199  1.00 0.00 ? 3  DG  A "C1'"  1 
ATOM   73  N N9     . DG  A 1 3  ? -1.819  -7.872  -6.790  1.00 0.00 ? 3  DG  A N9     1 
ATOM   74  C C8     . DG  A 1 3  ? -0.635  -8.293  -6.235  1.00 0.00 ? 3  DG  A C8     1 
ATOM   75  N N7     . DG  A 1 3  ? -0.745  -8.760  -5.023  1.00 0.00 ? 3  DG  A N7     1 
ATOM   76  C C5     . DG  A 1 3  ? -2.099  -8.632  -4.737  1.00 0.00 ? 3  DG  A C5     1 
ATOM   77  C C6     . DG  A 1 3  ? -2.841  -9.029  -3.574  1.00 0.00 ? 3  DG  A C6     1 
ATOM   78  O O6     . DG  A 1 3  ? -2.417  -9.591  -2.569  1.00 0.00 ? 3  DG  A O6     1 
ATOM   79  N N1     . DG  A 1 3  ? -4.207  -8.725  -3.667  1.00 0.00 ? 3  DG  A N1     1 
ATOM   80  C C2     . DG  A 1 3  ? -4.789  -8.094  -4.763  1.00 0.00 ? 3  DG  A C2     1 
ATOM   81  N N2     . DG  A 1 3  ? -6.086  -7.775  -4.668  1.00 0.00 ? 3  DG  A N2     1 
ATOM   82  N N3     . DG  A 1 3  ? -4.090  -7.743  -5.864  1.00 0.00 ? 3  DG  A N3     1 
ATOM   83  C C4     . DG  A 1 3  ? -2.757  -8.044  -5.798  1.00 0.00 ? 3  DG  A C4     1 
ATOM   84  H "H5'"  . DG  A 1 3  ? -0.335  -9.514  -11.181 1.00 0.00 ? 3  DG  A "H5'"  1 
ATOM   85  H "H5''" . DG  A 1 3  ? -0.289  -8.023  -12.143 1.00 0.00 ? 3  DG  A "H5''" 1 
ATOM   86  H "H4'"  . DG  A 1 3  ? -2.374  -8.160  -10.915 1.00 0.00 ? 3  DG  A "H4'"  1 
ATOM   87  H "H3'"  . DG  A 1 3  ? -0.536  -5.901  -10.605 1.00 0.00 ? 3  DG  A "H3'"  1 
ATOM   88  H "H2'"  . DG  A 1 3  ? -0.360  -6.221  -8.300  1.00 0.00 ? 3  DG  A "H2'"  1 
ATOM   89  H "H2''" . DG  A 1 3  ? -1.894  -5.319  -8.250  1.00 0.00 ? 3  DG  A "H2''" 1 
ATOM   90  H "H1'"  . DG  A 1 3  ? -3.167  -7.396  -8.374  1.00 0.00 ? 3  DG  A "H1'"  1 
ATOM   91  H H8     . DG  A 1 3  ? 0.302   -8.276  -6.771  1.00 0.00 ? 3  DG  A H8     1 
ATOM   92  H H1     . DG  A 1 3  ? -4.787  -8.963  -2.875  1.00 0.00 ? 3  DG  A H1     1 
ATOM   93  H H21    . DG  A 1 3  ? -6.608  -8.020  -3.837  1.00 0.00 ? 3  DG  A H21    1 
ATOM   94  H H22    . DG  A 1 3  ? -6.542  -7.291  -5.427  1.00 0.00 ? 3  DG  A H22    1 
ATOM   95  P P      . DT  A 1 4  ? -2.910  -4.181  -10.741 1.00 0.00 ? 4  DT  A P      1 
ATOM   96  O OP1    . DT  A 1 4  ? -3.756  -3.867  -11.915 1.00 0.00 ? 4  DT  A OP1    1 
ATOM   97  O OP2    . DT  A 1 4  ? -1.647  -3.440  -10.530 1.00 0.00 ? 4  DT  A OP2    1 
ATOM   98  O "O5'"  . DT  A 1 4  ? -3.814  -4.028  -9.410  1.00 0.00 ? 4  DT  A "O5'"  1 
ATOM   99  C "C5'"  . DT  A 1 4  ? -5.117  -4.583  -9.320  1.00 0.00 ? 4  DT  A "C5'"  1 
ATOM   100 C "C4'"  . DT  A 1 4  ? -5.722  -4.309  -7.937  1.00 0.00 ? 4  DT  A "C4'"  1 
ATOM   101 O "O4'"  . DT  A 1 4  ? -4.980  -4.972  -6.928  1.00 0.00 ? 4  DT  A "O4'"  1 
ATOM   102 C "C3'"  . DT  A 1 4  ? -5.762  -2.810  -7.572  1.00 0.00 ? 4  DT  A "C3'"  1 
ATOM   103 O "O3'"  . DT  A 1 4  ? -7.117  -2.411  -7.399  1.00 0.00 ? 4  DT  A "O3'"  1 
ATOM   104 C "C2'"  . DT  A 1 4  ? -4.919  -2.751  -6.289  1.00 0.00 ? 4  DT  A "C2'"  1 
ATOM   105 C "C1'"  . DT  A 1 4  ? -5.035  -4.182  -5.758  1.00 0.00 ? 4  DT  A "C1'"  1 
ATOM   106 N N1     . DT  A 1 4  ? -3.943  -4.587  -4.818  1.00 0.00 ? 4  DT  A N1     1 
ATOM   107 C C2     . DT  A 1 4  ? -4.287  -5.144  -3.575  1.00 0.00 ? 4  DT  A C2     1 
ATOM   108 O O2     . DT  A 1 4  ? -5.431  -5.141  -3.122  1.00 0.00 ? 4  DT  A O2     1 
ATOM   109 N N3     . DT  A 1 4  ? -3.250  -5.734  -2.855  1.00 0.00 ? 4  DT  A N3     1 
ATOM   110 C C4     . DT  A 1 4  ? -1.910  -5.781  -3.241  1.00 0.00 ? 4  DT  A C4     1 
ATOM   111 O O4     . DT  A 1 4  ? -1.095  -6.391  -2.554  1.00 0.00 ? 4  DT  A O4     1 
ATOM   112 C C5     . DT  A 1 4  ? -1.615  -5.093  -4.492  1.00 0.00 ? 4  DT  A C5     1 
ATOM   113 C C7     . DT  A 1 4  ? -0.174  -4.993  -4.967  1.00 0.00 ? 4  DT  A C7     1 
ATOM   114 C C6     . DT  A 1 4  ? -2.620  -4.538  -5.225  1.00 0.00 ? 4  DT  A C6     1 
ATOM   115 H "H5'"  . DT  A 1 4  ? -5.081  -5.662  -9.484  1.00 0.00 ? 4  DT  A "H5'"  1 
ATOM   116 H "H5''" . DT  A 1 4  ? -5.764  -4.133  -10.076 1.00 0.00 ? 4  DT  A "H5''" 1 
ATOM   117 H "H4'"  . DT  A 1 4  ? -6.729  -4.731  -7.920  1.00 0.00 ? 4  DT  A "H4'"  1 
ATOM   118 H "H3'"  . DT  A 1 4  ? -5.304  -2.197  -8.351  1.00 0.00 ? 4  DT  A "H3'"  1 
ATOM   119 H "H2'"  . DT  A 1 4  ? -3.893  -2.515  -6.571  1.00 0.00 ? 4  DT  A "H2'"  1 
ATOM   120 H "H2''" . DT  A 1 4  ? -5.252  -2.018  -5.558  1.00 0.00 ? 4  DT  A "H2''" 1 
ATOM   121 H "H1'"  . DT  A 1 4  ? -6.028  -4.299  -5.319  1.00 0.00 ? 4  DT  A "H1'"  1 
ATOM   122 H H3     . DT  A 1 4  ? -3.493  -6.171  -1.978  1.00 0.00 ? 4  DT  A H3     1 
ATOM   123 H H71    . DT  A 1 4  ? 0.297   -4.126  -4.500  1.00 0.00 ? 4  DT  A H71    1 
ATOM   124 H H72    . DT  A 1 4  ? 0.386   -5.887  -4.687  1.00 0.00 ? 4  DT  A H72    1 
ATOM   125 H H73    . DT  A 1 4  ? -0.122  -4.885  -6.051  1.00 0.00 ? 4  DT  A H73    1 
ATOM   126 H H6     . DT  A 1 4  ? -2.386  -4.068  -6.168  1.00 0.00 ? 4  DT  A H6     1 
ATOM   127 P P      . DC  A 1 5  ? -7.560  -0.901  -7.017  1.00 0.00 ? 5  DC  A P      1 
ATOM   128 O OP1    . DC  A 1 5  ? -8.935  -0.681  -7.516  1.00 0.00 ? 5  DC  A OP1    1 
ATOM   129 O OP2    . DC  A 1 5  ? -6.478  0.030   -7.410  1.00 0.00 ? 5  DC  A OP2    1 
ATOM   130 O "O5'"  . DC  A 1 5  ? -7.606  -0.971  -5.405  1.00 0.00 ? 5  DC  A "O5'"  1 
ATOM   131 C "C5'"  . DC  A 1 5  ? -8.604  -1.706  -4.715  1.00 0.00 ? 5  DC  A "C5'"  1 
ATOM   132 C "C4'"  . DC  A 1 5  ? -8.324  -1.721  -3.207  1.00 0.00 ? 5  DC  A "C4'"  1 
ATOM   133 O "O4'"  . DC  A 1 5  ? -7.099  -2.382  -2.956  1.00 0.00 ? 5  DC  A "O4'"  1 
ATOM   134 C "C3'"  . DC  A 1 5  ? -8.179  -0.321  -2.586  1.00 0.00 ? 5  DC  A "C3'"  1 
ATOM   135 O "O3'"  . DC  A 1 5  ? -9.405  0.083   -1.990  1.00 0.00 ? 5  DC  A "O3'"  1 
ATOM   136 C "C2'"  . DC  A 1 5  ? -7.048  -0.509  -1.561  1.00 0.00 ? 5  DC  A "C2'"  1 
ATOM   137 C "C1'"  . DC  A 1 5  ? -6.668  -1.988  -1.671  1.00 0.00 ? 5  DC  A "C1'"  1 
ATOM   138 N N1     . DC  A 1 5  ? -5.201  -2.225  -1.491  1.00 0.00 ? 5  DC  A N1     1 
ATOM   139 C C2     . DC  A 1 5  ? -4.745  -2.867  -0.326  1.00 0.00 ? 5  DC  A C2     1 
ATOM   140 O O2     . DC  A 1 5  ? -5.501  -3.098  0.616   1.00 0.00 ? 5  DC  A O2     1 
ATOM   141 N N3     . DC  A 1 5  ? -3.429  -3.245  -0.263  1.00 0.00 ? 5  DC  A N3     1 
ATOM   142 C C4     . DC  A 1 5  ? -2.562  -2.948  -1.250  1.00 0.00 ? 5  DC  A C4     1 
ATOM   143 N N4     . DC  A 1 5  ? -1.316  -3.433  -1.173  1.00 0.00 ? 5  DC  A N4     1 
ATOM   144 C C5     . DC  A 1 5  ? -2.987  -2.202  -2.412  1.00 0.00 ? 5  DC  A C5     1 
ATOM   145 C C6     . DC  A 1 5  ? -4.305  -1.875  -2.486  1.00 0.00 ? 5  DC  A C6     1 
ATOM   146 H "H5'"  . DC  A 1 5  ? -8.633  -2.737  -5.075  1.00 0.00 ? 5  DC  A "H5'"  1 
ATOM   147 H "H5''" . DC  A 1 5  ? -9.581  -1.247  -4.885  1.00 0.00 ? 5  DC  A "H5''" 1 
ATOM   148 H "H4'"  . DC  A 1 5  ? -9.114  -2.280  -2.697  1.00 0.00 ? 5  DC  A "H4'"  1 
ATOM   149 H "H3'"  . DC  A 1 5  ? -7.870  0.402   -3.343  1.00 0.00 ? 5  DC  A "H3'"  1 
ATOM   150 H "H2'"  . DC  A 1 5  ? -6.212  0.133   -1.841  1.00 0.00 ? 5  DC  A "H2'"  1 
ATOM   151 H "H2''" . DC  A 1 5  ? -7.357  -0.285  -0.539  1.00 0.00 ? 5  DC  A "H2''" 1 
ATOM   152 H "H1'"  . DC  A 1 5  ? -7.268  -2.561  -0.960  1.00 0.00 ? 5  DC  A "H1'"  1 
ATOM   153 H H41    . DC  A 1 5  ? -1.043  -3.980  -0.369  1.00 0.00 ? 5  DC  A H41    1 
ATOM   154 H H42    . DC  A 1 5  ? -0.654  -3.259  -1.917  1.00 0.00 ? 5  DC  A H42    1 
ATOM   155 H H5     . DC  A 1 5  ? -2.323  -1.921  -3.217  1.00 0.00 ? 5  DC  A H5     1 
ATOM   156 H H6     . DC  A 1 5  ? -4.665  -1.348  -3.357  1.00 0.00 ? 5  DC  A H6     1 
ATOM   157 P P      . DA  A 1 6  ? -9.619  1.545   -1.319  1.00 0.00 ? 6  DA  A P      1 
ATOM   158 O OP1    . DA  A 1 6  ? -11.025 1.952   -1.544  1.00 0.00 ? 6  DA  A OP1    1 
ATOM   159 O OP2    . DA  A 1 6  ? -8.521  2.438   -1.753  1.00 0.00 ? 6  DA  A OP2    1 
ATOM   160 O "O5'"  . DA  A 1 6  ? -9.425  1.250   0.256   1.00 0.00 ? 6  DA  A "O5'"  1 
ATOM   161 C "C5'"  . DA  A 1 6  ? -10.353 0.478   1.001   1.00 0.00 ? 6  DA  A "C5'"  1 
ATOM   162 C "C4'"  . DA  A 1 6  ? -9.853  0.291   2.442   1.00 0.00 ? 6  DA  A "C4'"  1 
ATOM   163 O "O4'"  . DA  A 1 6  ? -8.598  -0.374  2.395   1.00 0.00 ? 6  DA  A "O4'"  1 
ATOM   164 C "C3'"  . DA  A 1 6  ? -9.662  1.627   3.190   1.00 0.00 ? 6  DA  A "C3'"  1 
ATOM   165 O "O3'"  . DA  A 1 6  ? -10.087 1.497   4.542   1.00 0.00 ? 6  DA  A "O3'"  1 
ATOM   166 C "C2'"  . DA  A 1 6  ? -8.149  1.827   3.078   1.00 0.00 ? 6  DA  A "C2'"  1 
ATOM   167 C "C1'"  . DA  A 1 6  ? -7.661  0.377   3.133   1.00 0.00 ? 6  DA  A "C1'"  1 
ATOM   168 N N9     . DA  A 1 6  ? -6.278  0.125   2.642   1.00 0.00 ? 6  DA  A N9     1 
ATOM   169 C C8     . DA  A 1 6  ? -5.374  -0.776  3.149   1.00 0.00 ? 6  DA  A C8     1 
ATOM   170 N N7     . DA  A 1 6  ? -4.243  -0.838  2.506   1.00 0.00 ? 6  DA  A N7     1 
ATOM   171 C C5     . DA  A 1 6  ? -4.392  0.099   1.491   1.00 0.00 ? 6  DA  A C5     1 
ATOM   172 C C6     . DA  A 1 6  ? -3.505  0.595   0.498   1.00 0.00 ? 6  DA  A C6     1 
ATOM   173 N N6     . DA  A 1 6  ? -2.229  0.177   0.424   1.00 0.00 ? 6  DA  A N6     1 
ATOM   174 N N1     . DA  A 1 6  ? -3.927  1.605   -0.306  1.00 0.00 ? 6  DA  A N1     1 
ATOM   175 C C2     . DA  A 1 6  ? -5.166  2.080   -0.154  1.00 0.00 ? 6  DA  A C2     1 
ATOM   176 N N3     . DA  A 1 6  ? -6.082  1.698   0.741   1.00 0.00 ? 6  DA  A N3     1 
ATOM   177 C C4     . DA  A 1 6  ? -5.632  0.700   1.565   1.00 0.00 ? 6  DA  A C4     1 
ATOM   178 H "H5'"  . DA  A 1 6  ? -10.475 -0.505  0.541   1.00 0.00 ? 6  DA  A "H5'"  1 
ATOM   179 H "H5''" . DA  A 1 6  ? -11.324 0.977   1.022   1.00 0.00 ? 6  DA  A "H5''" 1 
ATOM   180 H "H4'"  . DA  A 1 6  ? -10.572 -0.341  2.969   1.00 0.00 ? 6  DA  A "H4'"  1 
ATOM   181 H "H3'"  . DA  A 1 6  ? -10.220 2.426   2.696   1.00 0.00 ? 6  DA  A "H3'"  1 
ATOM   182 H "H2'"  . DA  A 1 6  ? -7.952  2.303   2.124   1.00 0.00 ? 6  DA  A "H2'"  1 
ATOM   183 H "H2''" . DA  A 1 6  ? -7.706  2.426   3.869   1.00 0.00 ? 6  DA  A "H2''" 1 
ATOM   184 H "H1'"  . DA  A 1 6  ? -7.728  0.052   4.174   1.00 0.00 ? 6  DA  A "H1'"  1 
ATOM   185 H H8     . DA  A 1 6  ? -5.583  -1.384  4.017   1.00 0.00 ? 6  DA  A H8     1 
ATOM   186 H H61    . DA  A 1 6  ? -1.981  -0.632  0.975   1.00 0.00 ? 6  DA  A H61    1 
ATOM   187 H H2     . DA  A 1 6  ? -5.458  2.874   -0.826  1.00 0.00 ? 6  DA  A H2     1 
ATOM   188 P P      . DC  A 1 7  ? -10.286 2.774   5.528   1.00 0.00 ? 7  DC  A P      1 
ATOM   189 O OP1    . DC  A 1 7  ? -10.993 2.303   6.741   1.00 0.00 ? 7  DC  A OP1    1 
ATOM   190 O OP2    . DC  A 1 7  ? -10.858 3.889   4.742   1.00 0.00 ? 7  DC  A OP2    1 
ATOM   191 O "O5'"  . DC  A 1 7  ? -8.779  3.188   5.953   1.00 0.00 ? 7  DC  A "O5'"  1 
ATOM   192 C "C5'"  . DC  A 1 7  ? -8.028  2.437   6.891   1.00 0.00 ? 7  DC  A "C5'"  1 
ATOM   193 C "C4'"  . DC  A 1 7  ? -6.613  3.007   7.074   1.00 0.00 ? 7  DC  A "C4'"  1 
ATOM   194 O "O4'"  . DC  A 1 7  ? -5.810  2.825   5.919   1.00 0.00 ? 7  DC  A "O4'"  1 
ATOM   195 C "C3'"  . DC  A 1 7  ? -6.550  4.515   7.396   1.00 0.00 ? 7  DC  A "C3'"  1 
ATOM   196 O "O3'"  . DC  A 1 7  ? -6.381  4.701   8.797   1.00 0.00 ? 7  DC  A "O3'"  1 
ATOM   197 C "C2'"  . DC  A 1 7  ? -5.351  4.996   6.560   1.00 0.00 ? 7  DC  A "C2'"  1 
ATOM   198 C "C1'"  . DC  A 1 7  ? -4.704  3.692   6.088   1.00 0.00 ? 7  DC  A "C1'"  1 
ATOM   199 N N1     . DC  A 1 7  ? -3.878  3.882   4.854   1.00 0.00 ? 7  DC  A N1     1 
ATOM   200 C C2     . DC  A 1 7  ? -2.484  4.027   4.992   1.00 0.00 ? 7  DC  A C2     1 
ATOM   201 O O2     . DC  A 1 7  ? -1.948  4.004   6.097   1.00 0.00 ? 7  DC  A O2     1 
ATOM   202 N N3     . DC  A 1 7  ? -1.727  4.193   3.861   1.00 0.00 ? 7  DC  A N3     1 
ATOM   203 C C4     . DC  A 1 7  ? -2.294  4.267   2.640   1.00 0.00 ? 7  DC  A C4     1 
ATOM   204 N N4     . DC  A 1 7  ? -1.502  4.426   1.573   1.00 0.00 ? 7  DC  A N4     1 
ATOM   205 C C5     . DC  A 1 7  ? -3.727  4.167   2.479   1.00 0.00 ? 7  DC  A C5     1 
ATOM   206 C C6     . DC  A 1 7  ? -4.466  3.974   3.606   1.00 0.00 ? 7  DC  A C6     1 
ATOM   207 H "H5'"  . DC  A 1 7  ? -7.951  1.397   6.568   1.00 0.00 ? 7  DC  A "H5'"  1 
ATOM   208 H "H5''" . DC  A 1 7  ? -8.532  2.466   7.859   1.00 0.00 ? 7  DC  A "H5''" 1 
ATOM   209 H "H4'"  . DC  A 1 7  ? -6.135  2.441   7.877   1.00 0.00 ? 7  DC  A "H4'"  1 
ATOM   210 H "H3'"  . DC  A 1 7  ? -7.456  5.022   7.057   1.00 0.00 ? 7  DC  A "H3'"  1 
ATOM   211 H "H2'"  . DC  A 1 7  ? -5.717  5.562   5.701   1.00 0.00 ? 7  DC  A "H2'"  1 
ATOM   212 H "H2''" . DC  A 1 7  ? -4.639  5.614   7.105   1.00 0.00 ? 7  DC  A "H2''" 1 
ATOM   213 H "H1'"  . DC  A 1 7  ? -4.105  3.272   6.900   1.00 0.00 ? 7  DC  A "H1'"  1 
ATOM   214 H H41    . DC  A 1 7  ? -0.499  4.484   1.696   1.00 0.00 ? 7  DC  A H41    1 
ATOM   215 H H42    . DC  A 1 7  ? -1.900  4.479   0.647   1.00 0.00 ? 7  DC  A H42    1 
ATOM   216 H H5     . DC  A 1 7  ? -4.227  4.252   1.524   1.00 0.00 ? 7  DC  A H5     1 
ATOM   217 H H6     . DC  A 1 7  ? -5.540  3.898   3.518   1.00 0.00 ? 7  DC  A H6     1 
ATOM   218 P P      . DG  A 1 8  ? -6.349  6.164   9.503   1.00 0.00 ? 8  DG  A P      1 
ATOM   219 O OP1    . DG  A 1 8  ? -6.697  5.989   10.931  1.00 0.00 ? 8  DG  A OP1    1 
ATOM   220 O OP2    . DG  A 1 8  ? -7.127  7.109   8.672   1.00 0.00 ? 8  DG  A OP2    1 
ATOM   221 O "O5'"  . DG  A 1 8  ? -4.790  6.581   9.411   1.00 0.00 ? 8  DG  A "O5'"  1 
ATOM   222 C "C5'"  . DG  A 1 8  ? -3.789  5.904   10.153  1.00 0.00 ? 8  DG  A "C5'"  1 
ATOM   223 C "C4'"  . DG  A 1 8  ? -2.390  6.374   9.735   1.00 0.00 ? 8  DG  A "C4'"  1 
ATOM   224 O "O4'"  . DG  A 1 8  ? -2.135  6.087   8.372   1.00 0.00 ? 8  DG  A "O4'"  1 
ATOM   225 C "C3'"  . DG  A 1 8  ? -2.132  7.884   9.924   1.00 0.00 ? 8  DG  A "C3'"  1 
ATOM   226 O "O3'"  . DG  A 1 8  ? -1.292  8.073   11.059  1.00 0.00 ? 8  DG  A "O3'"  1 
ATOM   227 C "C2'"  . DG  A 1 8  ? -1.491  8.294   8.588   1.00 0.00 ? 8  DG  A "C2'"  1 
ATOM   228 C "C1'"  . DG  A 1 8  ? -1.095  6.953   7.975   1.00 0.00 ? 8  DG  A "C1'"  1 
ATOM   229 N N9     . DG  A 1 8  ? -0.959  7.013   6.499   1.00 0.00 ? 8  DG  A N9     1 
ATOM   230 C C8     . DG  A 1 8  ? -1.920  7.275   5.552   1.00 0.00 ? 8  DG  A C8     1 
ATOM   231 N N7     . DG  A 1 8  ? -1.484  7.246   4.323   1.00 0.00 ? 8  DG  A N7     1 
ATOM   232 C C5     . DG  A 1 8  ? -0.135  6.934   4.452   1.00 0.00 ? 8  DG  A C5     1 
ATOM   233 C C6     . DG  A 1 8  ? 0.874   6.740   3.449   1.00 0.00 ? 8  DG  A C6     1 
ATOM   234 O O6     . DG  A 1 8  ? 0.740   6.779   2.228   1.00 0.00 ? 8  DG  A O6     1 
ATOM   235 N N1     . DG  A 1 8  ? 2.140   6.475   3.991   1.00 0.00 ? 8  DG  A N1     1 
ATOM   236 C C2     . DG  A 1 8  ? 2.395   6.378   5.356   1.00 0.00 ? 8  DG  A C2     1 
ATOM   237 N N2     . DG  A 1 8  ? 3.647   6.093   5.730   1.00 0.00 ? 8  DG  A N2     1 
ATOM   238 N N3     . DG  A 1 8  ? 1.434   6.519   6.294   1.00 0.00 ? 8  DG  A N3     1 
ATOM   239 C C4     . DG  A 1 8  ? 0.197   6.801   5.785   1.00 0.00 ? 8  DG  A C4     1 
ATOM   240 H "H5'"  . DG  A 1 8  ? -3.856  4.827   9.981   1.00 0.00 ? 8  DG  A "H5'"  1 
ATOM   241 H "H5''" . DG  A 1 8  ? -3.925  6.098   11.219  1.00 0.00 ? 8  DG  A "H5''" 1 
ATOM   242 H "H4'"  . DG  A 1 8  ? -1.660  5.801   10.314  1.00 0.00 ? 8  DG  A "H4'"  1 
ATOM   243 H "H3'"  . DG  A 1 8  ? -3.068  8.429   10.066  1.00 0.00 ? 8  DG  A "H3'"  1 
ATOM   244 H "H2'"  . DG  A 1 8  ? -2.246  8.782   7.968   1.00 0.00 ? 8  DG  A "H2'"  1 
ATOM   245 H "H2''" . DG  A 1 8  ? -0.632  8.955   8.681   1.00 0.00 ? 8  DG  A "H2''" 1 
ATOM   246 H "H1'"  . DG  A 1 8  ? -0.162  6.616   8.434   1.00 0.00 ? 8  DG  A "H1'"  1 
ATOM   247 H H8     . DG  A 1 8  ? -2.952  7.482   5.799   1.00 0.00 ? 8  DG  A H8     1 
ATOM   248 H H1     . DG  A 1 8  ? 2.903   6.336   3.342   1.00 0.00 ? 8  DG  A H1     1 
ATOM   249 H H21    . DG  A 1 8  ? 4.367   5.972   5.033   1.00 0.00 ? 8  DG  A H21    1 
ATOM   250 H H22    . DG  A 1 8  ? 3.871   6.001   6.711   1.00 0.00 ? 8  DG  A H22    1 
ATOM   251 P P      . DA  A 1 9  ? -0.735  9.521   11.531  1.00 0.00 ? 9  DA  A P      1 
ATOM   252 O OP1    . DA  A 1 9  ? -0.455  9.456   12.983  1.00 0.00 ? 9  DA  A OP1    1 
ATOM   253 O OP2    . DA  A 1 9  ? -1.637  10.573  11.006  1.00 0.00 ? 9  DA  A OP2    1 
ATOM   254 O "O5'"  . DA  A 1 9  ? 0.675   9.626   10.746  1.00 0.00 ? 9  DA  A "O5'"  1 
ATOM   255 C "C5'"  . DA  A 1 9  ? 1.764   8.766   11.045  1.00 0.00 ? 9  DA  A "C5'"  1 
ATOM   256 C "C4'"  . DA  A 1 9  ? 2.937   9.022   10.088  1.00 0.00 ? 9  DA  A "C4'"  1 
ATOM   257 O "O4'"  . DA  A 1 9  ? 2.584   8.702   8.752   1.00 0.00 ? 9  DA  A "O4'"  1 
ATOM   258 C "C3'"  . DA  A 1 9  ? 3.445   10.480  10.095  1.00 0.00 ? 9  DA  A "C3'"  1 
ATOM   259 O "O3'"  . DA  A 1 9  ? 4.786   10.512  10.574  1.00 0.00 ? 9  DA  A "O3'"  1 
ATOM   260 C "C2'"  . DA  A 1 9  ? 3.309   10.883  8.622   1.00 0.00 ? 9  DA  A "C2'"  1 
ATOM   261 C "C1'"  . DA  A 1 9  ? 3.357   9.534   7.913   1.00 0.00 ? 9  DA  A "C1'"  1 
ATOM   262 N N9     . DA  A 1 9  ? 2.797   9.598   6.542   1.00 0.00 ? 9  DA  A N9     1 
ATOM   263 C C8     . DA  A 1 9  ? 1.507   9.875   6.152   1.00 0.00 ? 9  DA  A C8     1 
ATOM   264 N N7     . DA  A 1 9  ? 1.323   9.878   4.862   1.00 0.00 ? 9  DA  A N7     1 
ATOM   265 C C5     . DA  A 1 9  ? 2.579   9.578   4.347   1.00 0.00 ? 9  DA  A C5     1 
ATOM   266 C C6     . DA  A 1 9  ? 3.073   9.398   3.028   1.00 0.00 ? 9  DA  A C6     1 
ATOM   267 N N6     . DA  A 1 9  ? 2.291   9.486   1.944   1.00 0.00 ? 9  DA  A N6     1 
ATOM   268 N N1     . DA  A 1 9  ? 4.388   9.108   2.858   1.00 0.00 ? 9  DA  A N1     1 
ATOM   269 C C2     . DA  A 1 9  ? 5.170   8.983   3.937   1.00 0.00 ? 9  DA  A C2     1 
ATOM   270 N N3     . DA  A 1 9  ? 4.815   9.080   5.223   1.00 0.00 ? 9  DA  A N3     1 
ATOM   271 C C4     . DA  A 1 9  ? 3.489   9.401   5.369   1.00 0.00 ? 9  DA  A C4     1 
ATOM   272 H "H5'"  . DA  A 1 9  ? 1.457   7.723   10.951  1.00 0.00 ? 9  DA  A "H5'"  1 
ATOM   273 H "H5''" . DA  A 1 9  ? 2.102   8.943   12.067  1.00 0.00 ? 9  DA  A "H5''" 1 
ATOM   274 H "H4'"  . DA  A 1 9  ? 3.748   8.346   10.366  1.00 0.00 ? 9  DA  A "H4'"  1 
ATOM   275 H "H3'"  . DA  A 1 9  ? 2.819   11.119  10.722  1.00 0.00 ? 9  DA  A "H3'"  1 
ATOM   276 H "H2'"  . DA  A 1 9  ? 2.328   11.340  8.479   1.00 0.00 ? 9  DA  A "H2'"  1 
ATOM   277 H "H2''" . DA  A 1 9  ? 4.079   11.565  8.262   1.00 0.00 ? 9  DA  A "H2''" 1 
ATOM   278 H "H1'"  . DA  A 1 9  ? 4.388   9.174   7.896   1.00 0.00 ? 9  DA  A "H1'"  1 
ATOM   279 H H8     . DA  A 1 9  ? 0.707   10.067  6.853   1.00 0.00 ? 9  DA  A H8     1 
ATOM   280 H H61    . DA  A 1 9  ? 2.686   9.349   1.025   1.00 0.00 ? 9  DA  A H61    1 
ATOM   281 H H62    . DA  A 1 9  ? 1.307   9.688   2.046   1.00 0.00 ? 9  DA  A H62    1 
ATOM   282 H H2     . DA  A 1 9  ? 6.205   8.744   3.746   1.00 0.00 ? 9  DA  A H2     1 
ATOM   283 P P      . DG  A 1 10 ? 5.656   11.874  10.701  1.00 0.00 ? 10 DG  A P      1 
ATOM   284 O OP1    . DG  A 1 10 ? 6.662   11.677  11.770  1.00 0.00 ? 10 DG  A OP1    1 
ATOM   285 O OP2    . DG  A 1 10 ? 4.730   13.027  10.772  1.00 0.00 ? 10 DG  A OP2    1 
ATOM   286 O "O5'"  . DG  A 1 10 ? 6.429   11.937  9.282   1.00 0.00 ? 10 DG  A "O5'"  1 
ATOM   287 C "C5'"  . DG  A 1 10 ? 7.436   10.998  8.937   1.00 0.00 ? 10 DG  A "C5'"  1 
ATOM   288 C "C4'"  . DG  A 1 10 ? 7.981   11.276  7.529   1.00 0.00 ? 10 DG  A "C4'"  1 
ATOM   289 O "O4'"  . DG  A 1 10 ? 6.975   11.094  6.547   1.00 0.00 ? 10 DG  A "O4'"  1 
ATOM   290 C "C3'"  . DG  A 1 10 ? 8.546   12.701  7.342   1.00 0.00 ? 10 DG  A "C3'"  1 
ATOM   291 O "O3'"  . DG  A 1 10 ? 9.947   12.622  7.098   1.00 0.00 ? 10 DG  A "O3'"  1 
ATOM   292 C "C2'"  . DG  A 1 10 ? 7.744   13.226  6.143   1.00 0.00 ? 10 DG  A "C2'"  1 
ATOM   293 C "C1'"  . DG  A 1 10 ? 7.313   11.932  5.462   1.00 0.00 ? 10 DG  A "C1'"  1 
ATOM   294 N N9     . DG  A 1 10 ? 6.165   12.129  4.545   1.00 0.00 ? 10 DG  A N9     1 
ATOM   295 C C8     . DG  A 1 10 ? 4.858   12.420  4.852   1.00 0.00 ? 10 DG  A C8     1 
ATOM   296 N N7     . DG  A 1 10 ? 4.064   12.483  3.819   1.00 0.00 ? 10 DG  A N7     1 
ATOM   297 C C5     . DG  A 1 10 ? 4.899   12.219  2.739   1.00 0.00 ? 10 DG  A C5     1 
ATOM   298 C C6     . DG  A 1 10 ? 4.597   12.113  1.340   1.00 0.00 ? 10 DG  A C6     1 
ATOM   299 O O6     . DG  A 1 10 ? 3.501   12.220  0.799   1.00 0.00 ? 10 DG  A O6     1 
ATOM   300 N N1     . DG  A 1 10 ? 5.730   11.858  0.555   1.00 0.00 ? 10 DG  A N1     1 
ATOM   301 C C2     . DG  A 1 10 ? 7.015   11.706  1.069   1.00 0.00 ? 10 DG  A C2     1 
ATOM   302 N N2     . DG  A 1 10 ? 8.008   11.515  0.190   1.00 0.00 ? 10 DG  A N2     1 
ATOM   303 N N3     . DG  A 1 10 ? 7.287   11.768  2.391   1.00 0.00 ? 10 DG  A N3     1 
ATOM   304 C C4     . DG  A 1 10 ? 6.194   12.023  3.173   1.00 0.00 ? 10 DG  A C4     1 
ATOM   305 H "H5'"  . DG  A 1 10 ? 7.031   9.985   8.966   1.00 0.00 ? 10 DG  A "H5'"  1 
ATOM   306 H "H5''" . DG  A 1 10 ? 8.263   11.066  9.646   1.00 0.00 ? 10 DG  A "H5''" 1 
ATOM   307 H "H4'"  . DG  A 1 10 ? 8.758   10.535  7.322   1.00 0.00 ? 10 DG  A "H4'"  1 
ATOM   308 H "H3'"  . DG  A 1 10 ? 8.361   13.322  8.222   1.00 0.00 ? 10 DG  A "H3'"  1 
ATOM   309 H "H2'"  . DG  A 1 10 ? 6.863   13.753  6.512   1.00 0.00 ? 10 DG  A "H2'"  1 
ATOM   310 H "H2''" . DG  A 1 10 ? 8.298   13.887  5.477   1.00 0.00 ? 10 DG  A "H2''" 1 
ATOM   311 H "H1'"  . DG  A 1 10 ? 8.161   11.492  4.932   1.00 0.00 ? 10 DG  A "H1'"  1 
ATOM   312 H H8     . DG  A 1 10 ? 4.510   12.565  5.864   1.00 0.00 ? 10 DG  A H8     1 
ATOM   313 H H1     . DG  A 1 10 ? 5.594   11.793  -0.445  1.00 0.00 ? 10 DG  A H1     1 
ATOM   314 H H21    . DG  A 1 10 ? 7.807   11.472  -0.799  1.00 0.00 ? 10 DG  A H21    1 
ATOM   315 H H22    . DG  A 1 10 ? 8.957   11.412  0.519   1.00 0.00 ? 10 DG  A H22    1 
ATOM   316 P P      . DG  A 1 11 ? 10.886  13.924  6.861   1.00 0.00 ? 11 DG  A P      1 
ATOM   317 O OP1    . DG  A 1 11 ? 12.269  13.569  7.255   1.00 0.00 ? 11 DG  A OP1    1 
ATOM   318 O OP2    . DG  A 1 11 ? 10.230  15.101  7.474   1.00 0.00 ? 11 DG  A OP2    1 
ATOM   319 O "O5'"  . DG  A 1 11 ? 10.849  14.109  5.255   1.00 0.00 ? 11 DG  A "O5'"  1 
ATOM   320 C "C5'"  . DG  A 1 11 ? 11.470  13.182  4.377   1.00 0.00 ? 11 DG  A "C5'"  1 
ATOM   321 C "C4'"  . DG  A 1 11 ? 11.243  13.587  2.914   1.00 0.00 ? 11 DG  A "C4'"  1 
ATOM   322 O "O4'"  . DG  A 1 11 ? 9.859   13.513  2.596   1.00 0.00 ? 11 DG  A "O4'"  1 
ATOM   323 C "C3'"  . DG  A 1 11 ? 11.705  15.025  2.599   1.00 0.00 ? 11 DG  A "C3'"  1 
ATOM   324 O "O3'"  . DG  A 1 11 ? 12.535  15.042  1.452   1.00 0.00 ? 11 DG  A "O3'"  1 
ATOM   325 C "C2'"  . DG  A 1 11 ? 10.391  15.748  2.305   1.00 0.00 ? 11 DG  A "C2'"  1 
ATOM   326 C "C1'"  . DG  A 1 11 ? 9.554   14.601  1.748   1.00 0.00 ? 11 DG  A "C1'"  1 
ATOM   327 N N9     . DG  A 1 11 ? 8.099   14.894  1.744   1.00 0.00 ? 11 DG  A N9     1 
ATOM   328 C C8     . DG  A 1 11 ? 7.263   15.121  2.810   1.00 0.00 ? 11 DG  A C8     1 
ATOM   329 N N7     . DG  A 1 11 ? 6.010   15.280  2.485   1.00 0.00 ? 11 DG  A N7     1 
ATOM   330 C C5     . DG  A 1 11 ? 6.004   15.156  1.101   1.00 0.00 ? 11 DG  A C5     1 
ATOM   331 C C6     . DG  A 1 11 ? 4.911   15.202  0.169   1.00 0.00 ? 11 DG  A C6     1 
ATOM   332 O O6     . DG  A 1 11 ? 3.719   15.356  0.419   1.00 0.00 ? 11 DG  A O6     1 
ATOM   333 N N1     . DG  A 1 11 ? 5.318   15.039  -1.162  1.00 0.00 ? 11 DG  A N1     1 
ATOM   334 C C2     . DG  A 1 11 ? 6.642   14.852  -1.552  1.00 0.00 ? 11 DG  A C2     1 
ATOM   335 N N2     . DG  A 1 11 ? 6.891   14.802  -2.868  1.00 0.00 ? 11 DG  A N2     1 
ATOM   336 N N3     . DG  A 1 11 ? 7.663   14.788  -0.671  1.00 0.00 ? 11 DG  A N3     1 
ATOM   337 C C4     . DG  A 1 11 ? 7.285   14.941  0.635   1.00 0.00 ? 11 DG  A C4     1 
ATOM   338 H "H5'"  . DG  A 1 11 ? 11.064  12.181  4.536   1.00 0.00 ? 11 DG  A "H5'"  1 
ATOM   339 H "H5''" . DG  A 1 11 ? 12.545  13.160  4.566   1.00 0.00 ? 11 DG  A "H5''" 1 
ATOM   340 H "H4'"  . DG  A 1 11 ? 11.771  12.873  2.278   1.00 0.00 ? 11 DG  A "H4'"  1 
ATOM   341 H "H3'"  . DG  A 1 11 ? 12.238  15.493  3.429   1.00 0.00 ? 11 DG  A "H3'"  1 
ATOM   342 H "HO3'" . DG  A 1 11 ? 12.758  15.954  1.250   1.00 0.00 ? 11 DG  A "HO3'" 1 
ATOM   343 H "H2'"  . DG  A 1 11 ? 9.959   16.113  3.238   1.00 0.00 ? 11 DG  A "H2'"  1 
ATOM   344 H "H2''" . DG  A 1 11 ? 10.501  16.571  1.597   1.00 0.00 ? 11 DG  A "H2''" 1 
ATOM   345 H "H1'"  . DG  A 1 11 ? 9.903   14.366  0.741   1.00 0.00 ? 11 DG  A "H1'"  1 
ATOM   346 H H8     . DG  A 1 11 ? 7.606   15.148  3.834   1.00 0.00 ? 11 DG  A H8     1 
ATOM   347 H H1     . DG  A 1 11 ? 4.602   15.075  -1.874  1.00 0.00 ? 11 DG  A H1     1 
ATOM   348 H H21    . DG  A 1 11 ? 6.132   14.867  -3.532  1.00 0.00 ? 11 DG  A H21    1 
ATOM   349 H H22    . DG  A 1 11 ? 7.840   14.688  -3.194  1.00 0.00 ? 11 DG  A H22    1 
ATOM   350 O "O5'"  . DC  B 2 1  B 0.191   15.042  -9.190  1.00 0.00 ? 1  DC  B "O5'"  1 
ATOM   351 C "C5'"  . DC  B 2 1  B 1.099   15.732  -10.024 1.00 0.00 ? 1  DC  B "C5'"  1 
ATOM   352 C "C4'"  . DC  B 2 1  B 2.554   15.526  -9.571  1.00 0.00 ? 1  DC  B "C4'"  1 
ATOM   353 O "O4'"  . DC  B 2 1  B 2.717   16.038  -8.256  1.00 0.00 ? 1  DC  B "O4'"  1 
ATOM   354 C "C3'"  . DC  B 2 1  B 2.981   14.044  -9.560  1.00 0.00 ? 1  DC  B "C3'"  1 
ATOM   355 O "O3'"  . DC  B 2 1  B 4.268   13.916  -10.156 1.00 0.00 ? 1  DC  B "O3'"  1 
ATOM   356 C "C2'"  . DC  B 2 1  B 2.986   13.726  -8.063  1.00 0.00 ? 1  DC  B "C2'"  1 
ATOM   357 C "C1'"  . DC  B 2 1  B 3.390   15.075  -7.464  1.00 0.00 ? 1  DC  B "C1'"  1 
ATOM   358 N N1     . DC  B 2 1  B 3.007   15.195  -6.021  1.00 0.00 ? 1  DC  B N1     1 
ATOM   359 C C2     . DC  B 2 1  B 4.011   15.205  -5.034  1.00 0.00 ? 1  DC  B C2     1 
ATOM   360 O O2     . DC  B 2 1  B 5.199   15.103  -5.329  1.00 0.00 ? 1  DC  B O2     1 
ATOM   361 N N3     . DC  B 2 1  B 3.637   15.314  -3.719  1.00 0.00 ? 1  DC  B N3     1 
ATOM   362 C C4     . DC  B 2 1  B 2.340   15.406  -3.361  1.00 0.00 ? 1  DC  B C4     1 
ATOM   363 N N4     . DC  B 2 1  B 2.031   15.506  -2.062  1.00 0.00 ? 1  DC  B N4     1 
ATOM   364 C C5     . DC  B 2 1  B 1.292   15.390  -4.355  1.00 0.00 ? 1  DC  B C5     1 
ATOM   365 C C6     . DC  B 2 1  B 1.674   15.285  -5.655  1.00 0.00 ? 1  DC  B C6     1 
ATOM   366 H "H5'"  . DC  B 2 1  B 0.856   16.796  -9.999  1.00 0.00 ? 1  DC  B "H5'"  1 
ATOM   367 H "H5''" . DC  B 2 1  B 0.981   15.373  -11.046 1.00 0.00 ? 1  DC  B "H5''" 1 
ATOM   368 H "H4'"  . DC  B 2 1  B 3.194   16.100  -10.244 1.00 0.00 ? 1  DC  B "H4'"  1 
ATOM   369 H "H3'"  . DC  B 2 1  B 2.259   13.424  -10.096 1.00 0.00 ? 1  DC  B "H3'"  1 
ATOM   370 H "H2'"  . DC  B 2 1  B 1.976   13.448  -7.757  1.00 0.00 ? 1  DC  B "H2'"  1 
ATOM   371 H "H2''" . DC  B 2 1  B 3.672   12.926  -7.784  1.00 0.00 ? 1  DC  B "H2''" 1 
ATOM   372 H "H1'"  . DC  B 2 1  B 4.459   15.225  -7.629  1.00 0.00 ? 1  DC  B "H1'"  1 
ATOM   373 H H41    . DC  B 2 1  B 2.765   15.511  -1.369  1.00 0.00 ? 1  DC  B H41    1 
ATOM   374 H H42    . DC  B 2 1  B 1.065   15.571  -1.773  1.00 0.00 ? 1  DC  B H42    1 
ATOM   375 H H5     . DC  B 2 1  B 0.240   15.457  -4.113  1.00 0.00 ? 1  DC  B H5     1 
ATOM   376 H H6     . DC  B 2 1  B 0.910   15.277  -6.419  1.00 0.00 ? 1  DC  B H6     1 
ATOM   377 H "HO5'" . DC  B 2 1  B 0.380   14.102  -9.241  1.00 0.00 ? 1  DC  B "HO5'" 1 
ATOM   378 P P      . DC  B 2 2  B 4.970   12.482  -10.456 1.00 0.00 ? 2  DC  B P      1 
ATOM   379 O OP1    . DC  B 2 2  B 5.990   12.686  -11.509 1.00 0.00 ? 2  DC  B OP1    1 
ATOM   380 O OP2    . DC  B 2 2  B 3.909   11.469  -10.656 1.00 0.00 ? 2  DC  B OP2    1 
ATOM   381 O "O5'"  . DC  B 2 2  B 5.732   12.138  -9.073  1.00 0.00 ? 2  DC  B "O5'"  1 
ATOM   382 C "C5'"  . DC  B 2 2  B 6.926   12.797  -8.686  1.00 0.00 ? 2  DC  B "C5'"  1 
ATOM   383 C "C4'"  . DC  B 2 2  B 7.357   12.346  -7.283  1.00 0.00 ? 2  DC  B "C4'"  1 
ATOM   384 O "O4'"  . DC  B 2 2  B 6.388   12.719  -6.323  1.00 0.00 ? 2  DC  B "O4'"  1 
ATOM   385 C "C3'"  . DC  B 2 2  B 7.563   10.824  -7.137  1.00 0.00 ? 2  DC  B "C3'"  1 
ATOM   386 O "O3'"  . DC  B 2 2  B 8.955   10.550  -7.014  1.00 0.00 ? 2  DC  B "O3'"  1 
ATOM   387 C "C2'"  . DC  B 2 2  B 6.742   10.478  -5.883  1.00 0.00 ? 2  DC  B "C2'"  1 
ATOM   388 C "C1'"  . DC  B 2 2  B 6.523   11.841  -5.225  1.00 0.00 ? 2  DC  B "C1'"  1 
ATOM   389 N N1     . DC  B 2 2  B 5.320   11.874  -4.338  1.00 0.00 ? 2  DC  B N1     1 
ATOM   390 C C2     . DC  B 2 2  B 5.495   11.869  -2.942  1.00 0.00 ? 2  DC  B C2     1 
ATOM   391 O O2     . DC  B 2 2  B 6.608   11.739  -2.435  1.00 0.00 ? 2  DC  B O2     1 
ATOM   392 N N3     . DC  B 2 2  B 4.389   12.003  -2.146  1.00 0.00 ? 2  DC  B N3     1 
ATOM   393 C C4     . DC  B 2 2  B 3.150   12.097  -2.668  1.00 0.00 ? 2  DC  B C4     1 
ATOM   394 N N4     . DC  B 2 2  B 2.109   12.223  -1.835  1.00 0.00 ? 2  DC  B N4     1 
ATOM   395 C C5     . DC  B 2 2  B 2.940   12.046  -4.096  1.00 0.00 ? 2  DC  B C5     1 
ATOM   396 C C6     . DC  B 2 2  B 4.046   11.935  -4.878  1.00 0.00 ? 2  DC  B C6     1 
ATOM   397 H "H5'"  . DC  B 2 2  B 6.775   13.878  -8.677  1.00 0.00 ? 2  DC  B "H5'"  1 
ATOM   398 H "H5''" . DC  B 2 2  B 7.725   12.558  -9.391  1.00 0.00 ? 2  DC  B "H5''" 1 
ATOM   399 H "H4'"  . DC  B 2 2  B 8.277   12.875  -7.023  1.00 0.00 ? 2  DC  B "H4'"  1 
ATOM   400 H "H3'"  . DC  B 2 2  B 7.159   10.291  -8.001  1.00 0.00 ? 2  DC  B "H3'"  1 
ATOM   401 H "H2'"  . DC  B 2 2  B 5.785   10.055  -6.192  1.00 0.00 ? 2  DC  B "H2'"  1 
ATOM   402 H "H2''" . DC  B 2 2  B 7.234   9.786   -5.203  1.00 0.00 ? 2  DC  B "H2''" 1 
ATOM   403 H "H1'"  . DC  B 2 2  B 7.433   12.124  -4.692  1.00 0.00 ? 2  DC  B "H1'"  1 
ATOM   404 H H41    . DC  B 2 2  B 2.268   12.251  -0.838  1.00 0.00 ? 2  DC  B H41    1 
ATOM   405 H H42    . DC  B 2 2  B 1.170   12.295  -2.200  1.00 0.00 ? 2  DC  B H42    1 
ATOM   406 H H5     . DC  B 2 2  B 1.964   12.104  -4.559  1.00 0.00 ? 2  DC  B H5     1 
ATOM   407 H H6     . DC  B 2 2  B 3.922   11.907  -5.951  1.00 0.00 ? 2  DC  B H6     1 
ATOM   408 P P      . DT  B 2 3  B 9.565   9.051   -6.914  1.00 0.00 ? 3  DT  B P      1 
ATOM   409 O OP1    . DT  B 2 3  B 10.977  9.100   -7.353  1.00 0.00 ? 3  DT  B OP1    1 
ATOM   410 O OP2    . DT  B 2 3  B 8.628   8.112   -7.571  1.00 0.00 ? 3  DT  B OP2    1 
ATOM   411 O "O5'"  . DT  B 2 3  B 9.539   8.756   -5.325  1.00 0.00 ? 3  DT  B "O5'"  1 
ATOM   412 C "C5'"  . DT  B 2 3  B 10.392  9.436   -4.418  1.00 0.00 ? 3  DT  B "C5'"  1 
ATOM   413 C "C4'"  . DT  B 2 3  B 10.069  9.030   -2.975  1.00 0.00 ? 3  DT  B "C4'"  1 
ATOM   414 O "O4'"  . DT  B 2 3  B 8.751   9.416   -2.628  1.00 0.00 ? 3  DT  B "O4'"  1 
ATOM   415 C "C3'"  . DT  B 2 3  B 10.176  7.513   -2.711  1.00 0.00 ? 3  DT  B "C3'"  1 
ATOM   416 O "O3'"  . DT  B 2 3  B 11.333  7.252   -1.926  1.00 0.00 ? 3  DT  B "O3'"  1 
ATOM   417 C "C2'"  . DT  B 2 3  B 8.851   7.184   -2.006  1.00 0.00 ? 3  DT  B "C2'"  1 
ATOM   418 C "C1'"  . DT  B 2 3  B 8.325   8.556   -1.591  1.00 0.00 ? 3  DT  B "C1'"  1 
ATOM   419 N N1     . DT  B 2 3  B 6.838   8.585   -1.438  1.00 0.00 ? 3  DT  B N1     1 
ATOM   420 C C2     . DT  B 2 3  B 6.292   8.678   -0.149  1.00 0.00 ? 3  DT  B C2     1 
ATOM   421 O O2     . DT  B 2 3  B 6.963   8.615   0.880   1.00 0.00 ? 3  DT  B O2     1 
ATOM   422 N N3     . DT  B 2 3  B 4.910   8.850   -0.078  1.00 0.00 ? 3  DT  B N3     1 
ATOM   423 C C4     . DT  B 2 3  B 4.031   8.872   -1.161  1.00 0.00 ? 3  DT  B C4     1 
ATOM   424 O O4     . DT  B 2 3  B 2.834   9.072   -0.974  1.00 0.00 ? 3  DT  B O4     1 
ATOM   425 C C5     . DT  B 2 3  B 4.664   8.653   -2.457  1.00 0.00 ? 3  DT  B C5     1 
ATOM   426 C C7     . DT  B 2 3  B 3.807   8.546   -3.708  1.00 0.00 ? 3  DT  B C7     1 
ATOM   427 C C6     . DT  B 2 3  B 6.017   8.524   -2.550  1.00 0.00 ? 3  DT  B C6     1 
ATOM   428 H "H5'"  . DT  B 2 3  B 10.264  10.516  -4.517  1.00 0.00 ? 3  DT  B "H5'"  1 
ATOM   429 H "H5''" . DT  B 2 3  B 11.433  9.184   -4.629  1.00 0.00 ? 3  DT  B "H5''" 1 
ATOM   430 H "H4'"  . DT  B 2 3  B 10.741  9.573   -2.307  1.00 0.00 ? 3  DT  B "H4'"  1 
ATOM   431 H "H3'"  . DT  B 2 3  B 10.239  6.959   -3.650  1.00 0.00 ? 3  DT  B "H3'"  1 
ATOM   432 H "H2'"  . DT  B 2 3  B 8.173   6.728   -2.728  1.00 0.00 ? 3  DT  B "H2'"  1 
ATOM   433 H "H2''" . DT  B 2 3  B 8.949   6.519   -1.148  1.00 0.00 ? 3  DT  B "H2''" 1 
ATOM   434 H "H1'"  . DT  B 2 3  B 8.843   8.861   -0.681  1.00 0.00 ? 3  DT  B "H1'"  1 
ATOM   435 H H3     . DT  B 2 3  B 4.510   8.960   0.842   1.00 0.00 ? 3  DT  B H3     1 
ATOM   436 H H71    . DT  B 2 3  B 4.345   8.924   -4.580  1.00 0.00 ? 3  DT  B H71    1 
ATOM   437 H H72    . DT  B 2 3  B 3.551   7.500   -3.876  1.00 0.00 ? 3  DT  B H72    1 
ATOM   438 H H73    . DT  B 2 3  B 2.888   9.121   -3.598  1.00 0.00 ? 3  DT  B H73    1 
ATOM   439 H H6     . DT  B 2 3  B 6.466   8.388   -3.525  1.00 0.00 ? 3  DT  B H6     1 
ATOM   440 P P      . DC  B 2 4  B 11.804  5.758   -1.504  1.00 0.00 ? 4  DC  B P      1 
ATOM   441 O OP1    . DC  B 2 4  B 13.268  5.783   -1.289  1.00 0.00 ? 4  DC  B OP1    1 
ATOM   442 O OP2    . DC  B 2 4  B 11.221  4.788   -2.458  1.00 0.00 ? 4  DC  B OP2    1 
ATOM   443 O "O5'"  . DC  B 2 4  B 11.084  5.549   -0.073  1.00 0.00 ? 4  DC  B "O5'"  1 
ATOM   444 C "C5'"  . DC  B 2 4  B 11.484  6.268   1.083   1.00 0.00 ? 4  DC  B "C5'"  1 
ATOM   445 C "C4'"  . DC  B 2 4  B 10.600  5.892   2.279   1.00 0.00 ? 4  DC  B "C4'"  1 
ATOM   446 O "O4'"  . DC  B 2 4  B 9.260   6.297   2.042   1.00 0.00 ? 4  DC  B "O4'"  1 
ATOM   447 C "C3'"  . DC  B 2 4  B 10.583  4.376   2.573   1.00 0.00 ? 4  DC  B "C3'"  1 
ATOM   448 O "O3'"  . DC  B 2 4  B 11.001  4.135   3.914   1.00 0.00 ? 4  DC  B "O3'"  1 
ATOM   449 C "C2'"  . DC  B 2 4  B 9.114   4.009   2.335   1.00 0.00 ? 4  DC  B "C2'"  1 
ATOM   450 C "C1'"  . DC  B 2 4  B 8.413   5.336   2.635   1.00 0.00 ? 4  DC  B "C1'"  1 
ATOM   451 N N1     . DC  B 2 4  B 7.022   5.425   2.089   1.00 0.00 ? 4  DC  B N1     1 
ATOM   452 C C2     . DC  B 2 4  B 5.949   5.642   2.974   1.00 0.00 ? 4  DC  B C2     1 
ATOM   453 O O2     . DC  B 2 4  B 6.114   5.636   4.192   1.00 0.00 ? 4  DC  B O2     1 
ATOM   454 N N3     . DC  B 2 4  B 4.702   5.867   2.450   1.00 0.00 ? 4  DC  B N3     1 
ATOM   455 C C4     . DC  B 2 4  B 4.484   5.853   1.120   1.00 0.00 ? 4  DC  B C4     1 
ATOM   456 N N4     . DC  B 2 4  B 3.250   6.108   0.666   1.00 0.00 ? 4  DC  B N4     1 
ATOM   457 C C5     . DC  B 2 4  B 5.559   5.579   0.194   1.00 0.00 ? 4  DC  B C5     1 
ATOM   458 C C6     . DC  B 2 4  B 6.795   5.381   0.724   1.00 0.00 ? 4  DC  B C6     1 
ATOM   459 H "H5'"  . DC  B 2 4  B 11.405  7.343   0.905   1.00 0.00 ? 4  DC  B "H5'"  1 
ATOM   460 H "H5''" . DC  B 2 4  B 12.521  6.029   1.328   1.00 0.00 ? 4  DC  B "H5''" 1 
ATOM   461 H "H4'"  . DC  B 2 4  B 10.958  6.441   3.153   1.00 0.00 ? 4  DC  B "H4'"  1 
ATOM   462 H "H3'"  . DC  B 2 4  B 11.229  3.834   1.879   1.00 0.00 ? 4  DC  B "H3'"  1 
ATOM   463 H "H2'"  . DC  B 2 4  B 8.987   3.729   1.289   1.00 0.00 ? 4  DC  B "H2'"  1 
ATOM   464 H "H2''" . DC  B 2 4  B 8.756   3.200   2.967   1.00 0.00 ? 4  DC  B "H2''" 1 
ATOM   465 H "H1'"  . DC  B 2 4  B 8.449   5.499   3.714   1.00 0.00 ? 4  DC  B "H1'"  1 
ATOM   466 H H41    . DC  B 2 4  B 2.503   6.295   1.320   1.00 0.00 ? 4  DC  B H41    1 
ATOM   467 H H42    . DC  B 2 4  B 3.065   6.116   -0.327  1.00 0.00 ? 4  DC  B H42    1 
ATOM   468 H H5     . DC  B 2 4  B 5.436   5.553   -0.880  1.00 0.00 ? 4  DC  B H5     1 
ATOM   469 H H6     . DC  B 2 4  B 7.620   5.205   0.049   1.00 0.00 ? 4  DC  B H6     1 
ATOM   470 P P      . DG  B 2 5  B 11.278  2.646   4.501   1.00 0.00 ? 5  DG  B P      1 
ATOM   471 O OP1    . DG  B 2 5  B 12.106  2.784   5.720   1.00 0.00 ? 5  DG  B OP1    1 
ATOM   472 O OP2    . DG  B 2 5  B 11.751  1.785   3.394   1.00 0.00 ? 5  DG  B OP2    1 
ATOM   473 O "O5'"  . DG  B 2 5  B 9.810   2.127   4.941   1.00 0.00 ? 5  DG  B "O5'"  1 
ATOM   474 C "C5'"  . DG  B 2 5  B 9.201   2.514   6.163   1.00 0.00 ? 5  DG  B "C5'"  1 
ATOM   475 C "C4'"  . DG  B 2 5  B 7.758   1.992   6.241   1.00 0.00 ? 5  DG  B "C4'"  1 
ATOM   476 O "O4'"  . DG  B 2 5  B 6.924   2.687   5.324   1.00 0.00 ? 5  DG  B "O4'"  1 
ATOM   477 C "C3'"  . DG  B 2 5  B 7.606   0.482   5.937   1.00 0.00 ? 5  DG  B "C3'"  1 
ATOM   478 O "O3'"  . DG  B 2 5  B 7.063   -0.222  7.054   1.00 0.00 ? 5  DG  B "O3'"  1 
ATOM   479 C "C2'"  . DG  B 2 5  B 6.625   0.491   4.761   1.00 0.00 ? 5  DG  B "C2'"  1 
ATOM   480 C "C1'"  . DG  B 2 5  B 5.876   1.801   5.008   1.00 0.00 ? 5  DG  B "C1'"  1 
ATOM   481 N N9     . DG  B 2 5  B 5.042   2.268   3.867   1.00 0.00 ? 5  DG  B N9     1 
ATOM   482 C C8     . DG  B 2 5  B 5.308   2.259   2.518   1.00 0.00 ? 5  DG  B C8     1 
ATOM   483 N N7     . DG  B 2 5  B 4.324   2.675   1.769   1.00 0.00 ? 5  DG  B N7     1 
ATOM   484 C C5     . DG  B 2 5  B 3.318   2.983   2.677   1.00 0.00 ? 5  DG  B C5     1 
ATOM   485 C C6     . DG  B 2 5  B 1.975   3.442   2.457   1.00 0.00 ? 5  DG  B C6     1 
ATOM   486 O O6     . DG  B 2 5  B 1.440   3.725   1.388   1.00 0.00 ? 5  DG  B O6     1 
ATOM   487 N N1     . DG  B 2 5  B 1.235   3.553   3.641   1.00 0.00 ? 5  DG  B N1     1 
ATOM   488 C C2     . DG  B 2 5  B 1.752   3.289   4.906   1.00 0.00 ? 5  DG  B C2     1 
ATOM   489 N N2     . DG  B 2 5  B 0.931   3.448   5.951   1.00 0.00 ? 5  DG  B N2     1 
ATOM   490 N N3     . DG  B 2 5  B 3.021   2.881   5.111   1.00 0.00 ? 5  DG  B N3     1 
ATOM   491 C C4     . DG  B 2 5  B 3.752   2.740   3.965   1.00 0.00 ? 5  DG  B C4     1 
ATOM   492 H "H5'"  . DG  B 2 5  B 9.192   3.602   6.258   1.00 0.00 ? 5  DG  B "H5'"  1 
ATOM   493 H "H5''" . DG  B 2 5  B 9.769   2.092   6.995   1.00 0.00 ? 5  DG  B "H5''" 1 
ATOM   494 H "H4'"  . DG  B 2 5  B 7.380   2.206   7.245   1.00 0.00 ? 5  DG  B "H4'"  1 
ATOM   495 H "H3'"  . DG  B 2 5  B 8.560   0.038   5.644   1.00 0.00 ? 5  DG  B "H3'"  1 
ATOM   496 H "H2'"  . DG  B 2 5  B 7.189   0.536   3.829   1.00 0.00 ? 5  DG  B "H2'"  1 
ATOM   497 H "H2''" . DG  B 2 5  B 5.974   -0.379  4.736   1.00 0.00 ? 5  DG  B "H2''" 1 
ATOM   498 H "H1'"  . DG  B 2 5  B 5.256   1.702   5.902   1.00 0.00 ? 5  DG  B "H1'"  1 
ATOM   499 H H8     . DG  B 2 5  B 6.241   1.924   2.094   1.00 0.00 ? 5  DG  B H8     1 
ATOM   500 H H1     . DG  B 2 5  B 0.274   3.856   3.561   1.00 0.00 ? 5  DG  B H1     1 
ATOM   501 H H21    . DG  B 2 5  B -0.017  3.758   5.806   1.00 0.00 ? 5  DG  B H21    1 
ATOM   502 H H22    . DG  B 2 5  B 1.266   3.258   6.885   1.00 0.00 ? 5  DG  B H22    1 
ATOM   503 P P      . DT  B 2 6  B 7.032   -1.849  7.140   1.00 0.00 ? 6  DT  B P      1 
ATOM   504 O OP1    . DT  B 2 6  B 7.754   -2.244  8.371   1.00 0.00 ? 6  DT  B OP1    1 
ATOM   505 O OP2    . DT  B 2 6  B 7.461   -2.402  5.835   1.00 0.00 ? 6  DT  B OP2    1 
ATOM   506 O "O5'"  . DT  B 2 6  B 5.466   -2.225  7.344   1.00 0.00 ? 6  DT  B "O5'"  1 
ATOM   507 C "C5'"  . DT  B 2 6  B 5.025   -3.579  7.389   1.00 0.00 ? 6  DT  B "C5'"  1 
ATOM   508 C "C4'"  . DT  B 2 6  B 3.520   -3.660  7.693   1.00 0.00 ? 6  DT  B "C4'"  1 
ATOM   509 O "O4'"  . DT  B 2 6  B 2.772   -3.037  6.668   1.00 0.00 ? 6  DT  B "O4'"  1 
ATOM   510 C "C3'"  . DT  B 2 6  B 2.981   -5.107  7.789   1.00 0.00 ? 6  DT  B "C3'"  1 
ATOM   511 O "O3'"  . DT  B 2 6  B 2.612   -5.396  9.136   1.00 0.00 ? 6  DT  B "O3'"  1 
ATOM   512 C "C2'"  . DT  B 2 6  B 1.785   -5.104  6.821   1.00 0.00 ? 6  DT  B "C2'"  1 
ATOM   513 C "C1'"  . DT  B 2 6  B 1.483   -3.613  6.678   1.00 0.00 ? 6  DT  B "C1'"  1 
ATOM   514 N N1     . DT  B 2 6  B 0.703   -3.268  5.447   1.00 0.00 ? 6  DT  B N1     1 
ATOM   515 C C2     . DT  B 2 6  B -0.625  -2.830  5.589   1.00 0.00 ? 6  DT  B C2     1 
ATOM   516 O O2     . DT  B 2 6  B -1.212  -2.784  6.668   1.00 0.00 ? 6  DT  B O2     1 
ATOM   517 N N3     . DT  B 2 6  B -1.277  -2.433  4.420   1.00 0.00 ? 6  DT  B N3     1 
ATOM   518 C C4     . DT  B 2 6  B -0.736  -2.462  3.137   1.00 0.00 ? 6  DT  B C4     1 
ATOM   519 O O4     . DT  B 2 6  B -1.412  -2.083  2.184   1.00 0.00 ? 6  DT  B O4     1 
ATOM   520 C C5     . DT  B 2 6  B 0.627   -2.980  3.060   1.00 0.00 ? 6  DT  B C5     1 
ATOM   521 C C7     . DT  B 2 6  B 1.297   -3.151  1.705   1.00 0.00 ? 6  DT  B C7     1 
ATOM   522 C C6     . DT  B 2 6  B 1.287   -3.353  4.194   1.00 0.00 ? 6  DT  B C6     1 
ATOM   523 H "H5'"  . DT  B 2 6  B 5.562   -4.112  8.178   1.00 0.00 ? 6  DT  B "H5'"  1 
ATOM   524 H "H5''" . DT  B 2 6  B 5.227   -4.066  6.434   1.00 0.00 ? 6  DT  B "H5''" 1 
ATOM   525 H "H4'"  . DT  B 2 6  B 3.319   -3.123  8.623   1.00 0.00 ? 6  DT  B "H4'"  1 
ATOM   526 H "H3'"  . DT  B 2 6  B 3.736   -5.817  7.446   1.00 0.00 ? 6  DT  B "H3'"  1 
ATOM   527 H "H2'"  . DT  B 2 6  B 2.106   -5.533  5.870   1.00 0.00 ? 6  DT  B "H2'"  1 
ATOM   528 H "H2''" . DT  B 2 6  B 0.913   -5.651  7.174   1.00 0.00 ? 6  DT  B "H2''" 1 
ATOM   529 H "H1'"  . DT  B 2 6  B 0.980   -3.274  7.587   1.00 0.00 ? 6  DT  B "H1'"  1 
ATOM   530 H H3     . DT  B 2 6  B -2.226  -2.100  4.512   1.00 0.00 ? 6  DT  B H3     1 
ATOM   531 H H71    . DT  B 2 6  B 0.823   -2.525  0.949   1.00 0.00 ? 6  DT  B H71    1 
ATOM   532 H H72    . DT  B 2 6  B 2.352   -2.882  1.760   1.00 0.00 ? 6  DT  B H72    1 
ATOM   533 H H73    . DT  B 2 6  B 1.218   -4.193  1.391   1.00 0.00 ? 6  DT  B H73    1 
ATOM   534 H H6     . DT  B 2 6  B 2.306   -3.704  4.115   1.00 0.00 ? 6  DT  B H6     1 
ATOM   535 P P      . DG  B 2 7  B 2.100   -6.859  9.628   1.00 0.00 ? 7  DG  B P      1 
ATOM   536 O OP1    . DG  B 2 7  B 2.276   -6.930  11.096  1.00 0.00 ? 7  DG  B OP1    1 
ATOM   537 O OP2    . DG  B 2 7  B 2.723   -7.890  8.769   1.00 0.00 ? 7  DG  B OP2    1 
ATOM   538 O "O5'"  . DG  B 2 7  B 0.512   -6.840  9.314   1.00 0.00 ? 7  DG  B "O5'"  1 
ATOM   539 C "C5'"  . DG  B 2 7  B -0.392  -6.025  10.045  1.00 0.00 ? 7  DG  B "C5'"  1 
ATOM   540 C "C4'"  . DG  B 2 7  B -1.785  -6.037  9.398   1.00 0.00 ? 7  DG  B "C4'"  1 
ATOM   541 O "O4'"  . DG  B 2 7  B -1.702  -5.490  8.088   1.00 0.00 ? 7  DG  B "O4'"  1 
ATOM   542 C "C3'"  . DG  B 2 7  B -2.411  -7.443  9.279   1.00 0.00 ? 7  DG  B "C3'"  1 
ATOM   543 O "O3'"  . DG  B 2 7  B -3.763  -7.388  9.724   1.00 0.00 ? 7  DG  B "O3'"  1 
ATOM   544 C "C2'"  . DG  B 2 7  B -2.289  -7.720  7.778   1.00 0.00 ? 7  DG  B "C2'"  1 
ATOM   545 C "C1'"  . DG  B 2 7  B -2.443  -6.311  7.209   1.00 0.00 ? 7  DG  B "C1'"  1 
ATOM   546 N N9     . DG  B 2 7  B -1.931  -6.184  5.821   1.00 0.00 ? 7  DG  B N9     1 
ATOM   547 C C8     . DG  B 2 7  B -0.686  -6.499  5.328   1.00 0.00 ? 7  DG  B C8     1 
ATOM   548 N N7     . DG  B 2 7  B -0.513  -6.202  4.071   1.00 0.00 ? 7  DG  B N7     1 
ATOM   549 C C5     . DG  B 2 7  B -1.724  -5.641  3.692   1.00 0.00 ? 7  DG  B C5     1 
ATOM   550 C C6     . DG  B 2 7  B -2.116  -5.053  2.444   1.00 0.00 ? 7  DG  B C6     1 
ATOM   551 O O6     . DG  B 2 7  B -1.426  -4.915  1.437   1.00 0.00 ? 7  DG  B O6     1 
ATOM   552 N N1     . DG  B 2 7  B -3.420  -4.541  2.464   1.00 0.00 ? 7  DG  B N1     1 
ATOM   553 C C2     . DG  B 2 7  B -4.266  -4.614  3.567   1.00 0.00 ? 7  DG  B C2     1 
ATOM   554 N N2     . DG  B 2 7  B -5.505  -4.126  3.424   1.00 0.00 ? 7  DG  B N2     1 
ATOM   555 N N3     . DG  B 2 7  B -3.879  -5.137  4.751   1.00 0.00 ? 7  DG  B N3     1 
ATOM   556 C C4     . DG  B 2 7  B -2.603  -5.629  4.756   1.00 0.00 ? 7  DG  B C4     1 
ATOM   557 H "H5'"  . DG  B 2 7  B -0.032  -4.994  10.070  1.00 0.00 ? 7  DG  B "H5'"  1 
ATOM   558 H "H5''" . DG  B 2 7  B -0.471  -6.393  11.069  1.00 0.00 ? 7  DG  B "H5''" 1 
ATOM   559 H "H4'"  . DG  B 2 7  B -2.429  -5.386  9.994   1.00 0.00 ? 7  DG  B "H4'"  1 
ATOM   560 H "H3'"  . DG  B 2 7  B -1.860  -8.183  9.864   1.00 0.00 ? 7  DG  B "H3'"  1 
ATOM   561 H "H2'"  . DG  B 2 7  B -1.298  -8.123  7.568   1.00 0.00 ? 7  DG  B "H2'"  1 
ATOM   562 H "H2''" . DG  B 2 7  B -3.038  -8.407  7.387   1.00 0.00 ? 7  DG  B "H2''" 1 
ATOM   563 H "H1'"  . DG  B 2 7  B -3.494  -6.020  7.265   1.00 0.00 ? 7  DG  B "H1'"  1 
ATOM   564 H H8     . DG  B 2 7  B 0.096   -6.941  5.926   1.00 0.00 ? 7  DG  B H8     1 
ATOM   565 H H1     . DG  B 2 7  B -3.761  -4.112  1.615   1.00 0.00 ? 7  DG  B H1     1 
ATOM   566 H H21    . DG  B 2 7  B -5.793  -3.729  2.540   1.00 0.00 ? 7  DG  B H21    1 
ATOM   567 H H22    . DG  B 2 7  B -6.150  -4.159  4.199   1.00 0.00 ? 7  DG  B H22    1 
ATOM   568 P P      . DA  B 2 8  B -4.780  -8.651  9.664   1.00 0.00 ? 8  DA  B P      1 
ATOM   569 O OP1    . DA  B 2 8  B -5.783  -8.485  10.739  1.00 0.00 ? 8  DA  B OP1    1 
ATOM   570 O OP2    . DA  B 2 8  B -3.986  -9.899  9.593   1.00 0.00 ? 8  DA  B OP2    1 
ATOM   571 O "O5'"  . DA  B 2 8  B -5.524  -8.444  8.239   1.00 0.00 ? 8  DA  B "O5'"  1 
ATOM   572 C "C5'"  . DA  B 2 8  B -6.433  -7.376  8.020   1.00 0.00 ? 8  DA  B "C5'"  1 
ATOM   573 C "C4'"  . DA  B 2 8  B -6.975  -7.393  6.584   1.00 0.00 ? 8  DA  B "C4'"  1 
ATOM   574 O "O4'"  . DA  B 2 8  B -5.942  -7.182  5.638   1.00 0.00 ? 8  DA  B "O4'"  1 
ATOM   575 C "C3'"  . DA  B 2 8  B -7.692  -8.704  6.188   1.00 0.00 ? 8  DA  B "C3'"  1 
ATOM   576 O "O3'"  . DA  B 2 8  B -9.073  -8.426  5.977   1.00 0.00 ? 8  DA  B "O3'"  1 
ATOM   577 C "C2'"  . DA  B 2 8  B -6.935  -9.124  4.919   1.00 0.00 ? 8  DA  B "C2'"  1 
ATOM   578 C "C1'"  . DA  B 2 8  B -6.356  -7.798  4.437   1.00 0.00 ? 8  DA  B "C1'"  1 
ATOM   579 N N9     . DA  B 2 8  B -5.214  -7.962  3.501   1.00 0.00 ? 8  DA  B N9     1 
ATOM   580 C C8     . DA  B 2 8  B -4.003  -8.577  3.722   1.00 0.00 ? 8  DA  B C8     1 
ATOM   581 N N7     . DA  B 2 8  B -3.155  -8.468  2.737   1.00 0.00 ? 8  DA  B N7     1 
ATOM   582 C C5     . DA  B 2 8  B -3.845  -7.726  1.787   1.00 0.00 ? 8  DA  B C5     1 
ATOM   583 C C6     . DA  B 2 8  B -3.495  -7.218  0.507   1.00 0.00 ? 8  DA  B C6     1 
ATOM   584 N N6     . DA  B 2 8  B -2.285  -7.403  -0.036  1.00 0.00 ? 8  DA  B N6     1 
ATOM   585 N N1     . DA  B 2 8  B -4.406  -6.479  -0.174  1.00 0.00 ? 8  DA  B N1     1 
ATOM   586 C C2     . DA  B 2 8  B -5.610  -6.269  0.374   1.00 0.00 ? 8  DA  B C2     1 
ATOM   587 N N3     . DA  B 2 8  B -6.060  -6.703  1.558   1.00 0.00 ? 8  DA  B N3     1 
ATOM   588 C C4     . DA  B 2 8  B -5.115  -7.429  2.236   1.00 0.00 ? 8  DA  B C4     1 
ATOM   589 H "H5'"  . DA  B 2 8  B -5.936  -6.420  8.198   1.00 0.00 ? 8  DA  B "H5'"  1 
ATOM   590 H "H5''" . DA  B 2 8  B -7.278  -7.464  8.706   1.00 0.00 ? 8  DA  B "H5''" 1 
ATOM   591 H "H4'"  . DA  B 2 8  B -7.663  -6.549  6.483   1.00 0.00 ? 8  DA  B "H4'"  1 
ATOM   592 H "H3'"  . DA  B 2 8  B -7.586  -9.470  6.960   1.00 0.00 ? 8  DA  B "H3'"  1 
ATOM   593 H "H2'"  . DA  B 2 8  B -6.127  -9.802  5.201   1.00 0.00 ? 8  DA  B "H2'"  1 
ATOM   594 H "H2''" . DA  B 2 8  B -7.552  -9.602  4.161   1.00 0.00 ? 8  DA  B "H2''" 1 
ATOM   595 H "H1'"  . DA  B 2 8  B -7.151  -7.202  3.981   1.00 0.00 ? 8  DA  B "H1'"  1 
ATOM   596 H H8     . DA  B 2 8  B -3.756  -9.096  4.637   1.00 0.00 ? 8  DA  B H8     1 
ATOM   597 H H61    . DA  B 2 8  B -2.076  -7.011  -0.942  1.00 0.00 ? 8  DA  B H61    1 
ATOM   598 H H62    . DA  B 2 8  B -1.584  -7.933  0.460   1.00 0.00 ? 8  DA  B H62    1 
ATOM   599 H H2     . DA  B 2 8  B -6.303  -5.688  -0.215  1.00 0.00 ? 8  DA  B H2     1 
ATOM   600 P P      . DC  B 2 9  B -10.144 -9.527  5.454   1.00 0.00 ? 9  DC  B P      1 
ATOM   601 O OP1    . DC  B 2 9  B -11.491 -9.108  5.904   1.00 0.00 ? 9  DC  B OP1    1 
ATOM   602 O OP2    . DC  B 2 9  B -9.644  -10.878 5.792   1.00 0.00 ? 9  DC  B OP2    1 
ATOM   603 O "O5'"  . DC  B 2 9  B -10.067 -9.343  3.848   1.00 0.00 ? 9  DC  B "O5'"  1 
ATOM   604 C "C5'"  . DC  B 2 9  B -10.478 -8.143  3.212   1.00 0.00 ? 9  DC  B "C5'"  1 
ATOM   605 C "C4'"  . DC  B 2 9  B -10.129 -8.176  1.719   1.00 0.00 ? 9  DC  B "C4'"  1 
ATOM   606 O "O4'"  . DC  B 2 9  B -8.730  -8.301  1.536   1.00 0.00 ? 9  DC  B "O4'"  1 
ATOM   607 C "C3'"  . DC  B 2 9  B -10.799 -9.327  0.939   1.00 0.00 ? 9  DC  B "C3'"  1 
ATOM   608 O "O3'"  . DC  B 2 9  B -11.713 -8.780  -0.005  1.00 0.00 ? 9  DC  B "O3'"  1 
ATOM   609 C "C2'"  . DC  B 2 9  B -9.601  -10.046 0.300   1.00 0.00 ? 9  DC  B "C2'"  1 
ATOM   610 C "C1'"  . DC  B 2 9  B -8.520  -8.967  0.308   1.00 0.00 ? 9  DC  B "C1'"  1 
ATOM   611 N N1     . DC  B 2 9  B -7.135  -9.524  0.221   1.00 0.00 ? 9  DC  B N1     1 
ATOM   612 C C2     . DC  B 2 9  B -6.341  -9.238  -0.906  1.00 0.00 ? 9  DC  B C2     1 
ATOM   613 O O2     . DC  B 2 9  B -6.800  -8.649  -1.883  1.00 0.00 ? 9  DC  B O2     1 
ATOM   614 N N3     . DC  B 2 9  B -5.037  -9.655  -0.908  1.00 0.00 ? 9  DC  B N3     1 
ATOM   615 C C4     . DC  B 2 9  B -4.524  -10.373 0.111   1.00 0.00 ? 9  DC  B C4     1 
ATOM   616 N N4     . DC  B 2 9  B -3.231  -10.721 0.067   1.00 0.00 ? 9  DC  B N4     1 
ATOM   617 C C5     . DC  B 2 9  B -5.337  -10.735 1.248   1.00 0.00 ? 9  DC  B C5     1 
ATOM   618 C C6     . DC  B 2 9  B -6.619  -10.284 1.257   1.00 0.00 ? 9  DC  B C6     1 
ATOM   619 H "H5'"  . DC  B 2 9  B -9.974  -7.285  3.663   1.00 0.00 ? 9  DC  B "H5'"  1 
ATOM   620 H "H5''" . DC  B 2 9  B -11.556 -8.014  3.324   1.00 0.00 ? 9  DC  B "H5''" 1 
ATOM   621 H "H4'"  . DC  B 2 9  B -10.419 -7.214  1.286   1.00 0.00 ? 9  DC  B "H4'"  1 
ATOM   622 H "H3'"  . DC  B 2 9  B -11.329 -10.005 1.611   1.00 0.00 ? 9  DC  B "H3'"  1 
ATOM   623 H "H2'"  . DC  B 2 9  B -9.310  -10.874 0.946   1.00 0.00 ? 9  DC  B "H2'"  1 
ATOM   624 H "H2''" . DC  B 2 9  B -9.789  -10.428 -0.701  1.00 0.00 ? 9  DC  B "H2''" 1 
ATOM   625 H "H1'"  . DC  B 2 9  B -8.737  -8.254  -0.490  1.00 0.00 ? 9  DC  B "H1'"  1 
ATOM   626 H H41    . DC  B 2 9  B -2.669  -10.452 -0.728  1.00 0.00 ? 9  DC  B H41    1 
ATOM   627 H H42    . DC  B 2 9  B -2.818  -11.247 0.824   1.00 0.00 ? 9  DC  B H42    1 
ATOM   628 H H5     . DC  B 2 9  B -4.971  -11.318 2.082   1.00 0.00 ? 9  DC  B H5     1 
ATOM   629 H H6     . DC  B 2 9  B -7.244  -10.520 2.106   1.00 0.00 ? 9  DC  B H6     1 
ATOM   630 P P      . DC  B 2 10 B -12.582 -9.680  -1.038  1.00 0.00 ? 10 DC  B P      1 
ATOM   631 O OP1    . DC  B 2 10 B -13.809 -8.927  -1.384  1.00 0.00 ? 10 DC  B OP1    1 
ATOM   632 O OP2    . DC  B 2 10 B -12.693 -11.054 -0.498  1.00 0.00 ? 10 DC  B OP2    1 
ATOM   633 O "O5'"  . DC  B 2 10 B -11.632 -9.727  -2.347  1.00 0.00 ? 10 DC  B "O5'"  1 
ATOM   634 C "C5'"  . DC  B 2 10 B -11.350 -8.564  -3.109  1.00 0.00 ? 10 DC  B "C5'"  1 
ATOM   635 C "C4'"  . DC  B 2 10 B -10.349 -8.881  -4.229  1.00 0.00 ? 10 DC  B "C4'"  1 
ATOM   636 O "O4'"  . DC  B 2 10 B -9.114  -9.306  -3.676  1.00 0.00 ? 10 DC  B "O4'"  1 
ATOM   637 C "C3'"  . DC  B 2 10 B -10.828 -9.984  -5.197  1.00 0.00 ? 10 DC  B "C3'"  1 
ATOM   638 O "O3'"  . DC  B 2 10 B -10.887 -9.454  -6.516  1.00 0.00 ? 10 DC  B "O3'"  1 
ATOM   639 C "C2'"  . DC  B 2 10 B -9.761  -11.074 -5.024  1.00 0.00 ? 10 DC  B "C2'"  1 
ATOM   640 C "C1'"  . DC  B 2 10 B -8.555  -10.263 -4.553  1.00 0.00 ? 10 DC  B "C1'"  1 
ATOM   641 N N1     . DC  B 2 10 B -7.526  -11.096 -3.858  1.00 0.00 ? 10 DC  B N1     1 
ATOM   642 C C2     . DC  B 2 10 B -6.244  -11.223 -4.423  1.00 0.00 ? 10 DC  B C2     1 
ATOM   643 O O2     . DC  B 2 10 B -5.989  -10.784 -5.542  1.00 0.00 ? 10 DC  B O2     1 
ATOM   644 N N3     . DC  B 2 10 B -5.275  -11.868 -3.702  1.00 0.00 ? 10 DC  B N3     1 
ATOM   645 C C4     . DC  B 2 10 B -5.541  -12.435 -2.509  1.00 0.00 ? 10 DC  B C4     1 
ATOM   646 N N4     . DC  B 2 10 B -4.543  -13.032 -1.844  1.00 0.00 ? 10 DC  B N4     1 
ATOM   647 C C5     . DC  B 2 10 B -6.869  -12.384 -1.944  1.00 0.00 ? 10 DC  B C5     1 
ATOM   648 C C6     . DC  B 2 10 B -7.813  -11.705 -2.648  1.00 0.00 ? 10 DC  B C6     1 
ATOM   649 H "H5'"  . DC  B 2 10 B -10.925 -7.787  -2.470  1.00 0.00 ? 10 DC  B "H5'"  1 
ATOM   650 H "H5''" . DC  B 2 10 B -12.270 -8.184  -3.559  1.00 0.00 ? 10 DC  B "H5''" 1 
ATOM   651 H "H4'"  . DC  B 2 10 B -10.155 -7.956  -4.777  1.00 0.00 ? 10 DC  B "H4'"  1 
ATOM   652 H "H3'"  . DC  B 2 10 B -11.811 -10.364 -4.913  1.00 0.00 ? 10 DC  B "H3'"  1 
ATOM   653 H "H2'"  . DC  B 2 10 B -10.088 -11.762 -4.243  1.00 0.00 ? 10 DC  B "H2'"  1 
ATOM   654 H "H2''" . DC  B 2 10 B -9.543  -11.638 -5.930  1.00 0.00 ? 10 DC  B "H2''" 1 
ATOM   655 H "H1'"  . DC  B 2 10 B -8.149  -9.720  -5.411  1.00 0.00 ? 10 DC  B "H1'"  1 
ATOM   656 H H41    . DC  B 2 10 B -3.618  -13.055 -2.249  1.00 0.00 ? 10 DC  B H41    1 
ATOM   657 H H42    . DC  B 2 10 B -4.713  -13.453 -0.942  1.00 0.00 ? 10 DC  B H42    1 
ATOM   658 H H5     . DC  B 2 10 B -7.132  -12.840 -1.000  1.00 0.00 ? 10 DC  B H5     1 
ATOM   659 H H6     . DC  B 2 10 B -8.811  -11.633 -2.243  1.00 0.00 ? 10 DC  B H6     1 
ATOM   660 P P      . DG  B 2 11 B -11.349 -10.320 -7.806  1.00 0.00 ? 11 DG  B P      1 
ATOM   661 O OP1    . DG  B 2 11 B -11.987 -9.398  -8.773  1.00 0.00 ? 11 DG  B OP1    1 
ATOM   662 O OP2    . DG  B 2 11 B -12.087 -11.516 -7.339  1.00 0.00 ? 11 DG  B OP2    1 
ATOM   663 O "O5'"  . DG  B 2 11 B -9.938  -10.812 -8.427  1.00 0.00 ? 11 DG  B "O5'"  1 
ATOM   664 C "C5'"  . DG  B 2 11 B -9.035  -9.909  -9.046  1.00 0.00 ? 11 DG  B "C5'"  1 
ATOM   665 C "C4'"  . DG  B 2 11 B -7.787  -10.648 -9.549  1.00 0.00 ? 11 DG  B "C4'"  1 
ATOM   666 O "O4'"  . DG  B 2 11 B -7.060  -11.177 -8.450  1.00 0.00 ? 11 DG  B "O4'"  1 
ATOM   667 C "C3'"  . DG  B 2 11 B -8.121  -11.827 -10.487 1.00 0.00 ? 11 DG  B "C3'"  1 
ATOM   668 O "O3'"  . DG  B 2 11 B -7.316  -11.785 -11.651 1.00 0.00 ? 11 DG  B "O3'"  1 
ATOM   669 C "C2'"  . DG  B 2 11 B -7.747  -13.045 -9.643  1.00 0.00 ? 11 DG  B "C2'"  1 
ATOM   670 C "C1'"  . DG  B 2 11 B -6.604  -12.464 -8.811  1.00 0.00 ? 11 DG  B "C1'"  1 
ATOM   671 N N9     . DG  B 2 11 B -6.286  -13.272 -7.611  1.00 0.00 ? 11 DG  B N9     1 
ATOM   672 C C8     . DG  B 2 11 B -7.091  -13.572 -6.539  1.00 0.00 ? 11 DG  B C8     1 
ATOM   673 N N7     . DG  B 2 11 B -6.486  -14.202 -5.572  1.00 0.00 ? 11 DG  B N7     1 
ATOM   674 C C5     . DG  B 2 11 B -5.182  -14.348 -6.031  1.00 0.00 ? 11 DG  B C5     1 
ATOM   675 C C6     . DG  B 2 11 B -4.033  -14.926 -5.395  1.00 0.00 ? 11 DG  B C6     1 
ATOM   676 O O6     . DG  B 2 11 B -3.954  -15.378 -4.255  1.00 0.00 ? 11 DG  B O6     1 
ATOM   677 N N1     . DG  B 2 11 B -2.895  -14.929 -6.216  1.00 0.00 ? 11 DG  B N1     1 
ATOM   678 C C2     . DG  B 2 11 B -2.864  -14.393 -7.501  1.00 0.00 ? 11 DG  B C2     1 
ATOM   679 N N2     . DG  B 2 11 B -1.698  -14.452 -8.160  1.00 0.00 ? 11 DG  B N2     1 
ATOM   680 N N3     . DG  B 2 11 B -3.937  -13.814 -8.081  1.00 0.00 ? 11 DG  B N3     1 
ATOM   681 C C4     . DG  B 2 11 B -5.062  -13.819 -7.300  1.00 0.00 ? 11 DG  B C4     1 
ATOM   682 H "H5'"  . DG  B 2 11 B -8.731  -9.135  -8.338  1.00 0.00 ? 11 DG  B "H5'"  1 
ATOM   683 H "H5''" . DG  B 2 11 B -9.519  -9.432  -9.901  1.00 0.00 ? 11 DG  B "H5''" 1 
ATOM   684 H "H4'"  . DG  B 2 11 B -7.149  -9.925  -10.062 1.00 0.00 ? 11 DG  B "H4'"  1 
ATOM   685 H "H3'"  . DG  B 2 11 B -9.170  -11.854 -10.783 1.00 0.00 ? 11 DG  B "H3'"  1 
ATOM   686 H "HO3'" . DG  B 2 11 B -7.532  -10.989 -12.143 1.00 0.00 ? 11 DG  B "HO3'" 1 
ATOM   687 H "H2'"  . DG  B 2 11 B -8.589  -13.319 -9.003  1.00 0.00 ? 11 DG  B "H2'"  1 
ATOM   688 H "H2''" . DG  B 2 11 B -7.438  -13.904 -10.239 1.00 0.00 ? 11 DG  B "H2''" 1 
ATOM   689 H "H1'"  . DG  B 2 11 B -5.722  -12.356 -9.443  1.00 0.00 ? 11 DG  B "H1'"  1 
ATOM   690 H H8     . DG  B 2 11 B -8.129  -13.280 -6.491  1.00 0.00 ? 11 DG  B H8     1 
ATOM   691 H H1     . DG  B 2 11 B -2.047  -15.324 -5.836  1.00 0.00 ? 11 DG  B H1     1 
ATOM   692 H H21    . DG  B 2 11 B -0.887  -14.868 -7.724  1.00 0.00 ? 11 DG  B H21    1 
ATOM   693 H H22    . DG  B 2 11 B -1.629  -14.065 -9.090  1.00 0.00 ? 11 DG  B H22    1 
HETATM 694 C C10    . BPA C 3 .  ? -1.064  1.047   0.152   1.00 0.00 ? 12 BPA A C10    1 
HETATM 695 C C9     . BPA C 3 .  ? -0.725  0.952   -1.352  1.00 0.00 ? 12 BPA A C9     1 
HETATM 696 C C8     . BPA C 3 .  ? 0.689   1.462   -1.630  1.00 0.00 ? 12 BPA A C8     1 
HETATM 697 C C7     . BPA C 3 .  ? 1.667   0.558   -0.872  1.00 0.00 ? 12 BPA A C7     1 
HETATM 698 C C6A    . BPA C 3 .  ? 1.352   0.385   0.609   1.00 0.00 ? 12 BPA A C6A    1 
HETATM 699 C C6     . BPA C 3 .  ? 2.383   0.013   1.485   1.00 0.00 ? 12 BPA A C6     1 
HETATM 700 C C5A    . BPA C 3 .  ? 2.164   -0.051  2.876   1.00 0.00 ? 12 BPA A C5A    1 
HETATM 701 C C5     . BPA C 3 .  ? 3.222   -0.446  3.722   1.00 0.00 ? 12 BPA A C5     1 
HETATM 702 C C4     . BPA C 3 .  ? 3.030   -0.489  5.107   1.00 0.00 ? 12 BPA A C4     1 
HETATM 703 C C3A    . BPA C 3 .  ? 1.779   -0.135  5.657   1.00 0.00 ? 12 BPA A C3A    1 
HETATM 704 C C3     . BPA C 3 .  ? 1.589   -0.168  7.062   1.00 0.00 ? 12 BPA A C3     1 
HETATM 705 C C2     . BPA C 3 .  ? 0.349   0.182   7.618   1.00 0.00 ? 12 BPA A C2     1 
HETATM 706 C C1     . BPA C 3 .  ? -0.699  0.568   6.768   1.00 0.00 ? 12 BPA A C1     1 
HETATM 707 C C2A    . BPA C 3 .  ? -0.503  0.601   5.364   1.00 0.00 ? 12 BPA A C2A    1 
HETATM 708 C C2B    . BPA C 3 .  ? 0.733   0.255   4.808   1.00 0.00 ? 12 BPA A C2B    1 
HETATM 709 C C2C    . BPA C 3 .  ? 0.922   0.295   3.413   1.00 0.00 ? 12 BPA A C2C    1 
HETATM 710 C C12    . BPA C 3 .  ? -1.559  0.990   4.519   1.00 0.00 ? 12 BPA A C12    1 
HETATM 711 C C11    . BPA C 3 .  ? -1.371  1.023   3.133   1.00 0.00 ? 12 BPA A C11    1 
HETATM 712 C C1B    . BPA C 3 .  ? -0.126  0.664   2.554   1.00 0.00 ? 12 BPA A C1B    1 
HETATM 713 C C1A    . BPA C 3 .  ? 0.068   0.671   1.129   1.00 0.00 ? 12 BPA A C1A    1 
HETATM 714 O O9     . BPA C 3 .  ? -1.660  1.690   -2.116  1.00 0.00 ? 12 BPA A O9     1 
HETATM 715 O O8     . BPA C 3 .  ? 0.965   1.407   -3.019  1.00 0.00 ? 12 BPA A O8     1 
HETATM 716 O O7     . BPA C 3 .  ? 2.966   1.100   -1.041  1.00 0.00 ? 12 BPA A O7     1 
HETATM 717 H H102   . BPA C 3 .  ? -1.316  2.086   0.373   1.00 0.00 ? 12 BPA A H102   1 
HETATM 718 H H9     . BPA C 3 .  ? -0.775  -0.091  -1.673  1.00 0.00 ? 12 BPA A H9     1 
HETATM 719 H H8     . BPA C 3 .  ? 0.787   2.493   -1.289  1.00 0.00 ? 12 BPA A H8     1 
HETATM 720 H H7     . BPA C 3 .  ? 1.652   -0.433  -1.327  1.00 0.00 ? 12 BPA A H7     1 
HETATM 721 H H6     . BPA C 3 .  ? 3.356   -0.241  1.087   1.00 0.00 ? 12 BPA A H6     1 
HETATM 722 H H5     . BPA C 3 .  ? 4.169   -0.751  3.299   1.00 0.00 ? 12 BPA A H5     1 
HETATM 723 H H4     . BPA C 3 .  ? 3.848   -0.792  5.744   1.00 0.00 ? 12 BPA A H4     1 
HETATM 724 H H3     . BPA C 3 .  ? 2.392   -0.465  7.723   1.00 0.00 ? 12 BPA A H3     1 
HETATM 725 H H2     . BPA C 3 .  ? 0.202   0.154   8.688   1.00 0.00 ? 12 BPA A H2     1 
HETATM 726 H H1     . BPA C 3 .  ? -1.653  0.837   7.199   1.00 0.00 ? 12 BPA A H1     1 
HETATM 727 H H12    . BPA C 3 .  ? -2.525  1.248   4.927   1.00 0.00 ? 12 BPA A H12    1 
HETATM 728 H H11    . BPA C 3 .  ? -2.183  1.415   2.554   1.00 0.00 ? 12 BPA A H11    1 
HETATM 729 H HO9    . BPA C 3 .  ? -1.626  2.608   -1.838  1.00 0.00 ? 12 BPA A HO9    1 
HETATM 730 H HO8    . BPA C 3 .  ? 0.870   0.500   -3.315  1.00 0.00 ? 12 BPA A HO8    1 
HETATM 731 H HO7    . BPA C 3 .  ? 2.999   1.959   -0.616  1.00 0.00 ? 12 BPA A HO7    1 
# 
